data_4UT4
#
_entry.id   4UT4
#
_cell.length_a   101.100
_cell.length_b   116.330
_cell.length_c   168.090
_cell.angle_alpha   90.00
_cell.angle_beta   90.00
_cell.angle_gamma   90.00
#
_symmetry.space_group_name_H-M   'C 2 2 21'
#
loop_
_entity.id
_entity.type
_entity.pdbx_description
1 polymer 'PUTATIVE SUGAR KINASE'
2 non-polymer alpha-D-mannopyranose
3 non-polymer 'CHLORIDE ION'
4 water water
#
_entity_poly.entity_id   1
_entity_poly.type   'polypeptide(L)'
_entity_poly.pdbx_seq_one_letter_code
;MNPTIIRARAPLRLGLAGGGTDVAPYADTFGGYVLNATIDRYAYAVIKTLTIPAVRFVSTDQQVEKHQLISEPLELNGTL
NLHKAVYNHMIRNYNHGKPIALELSTFCDAPAGSGLGSSSTLVVVMIKAFVELLNLPLDDYAIAQLAYRIERVDCGLAGG
RQDQYSATFGGFNFMEFYAAARTIVNPLRIKNWVLCELEASLVLFYTGVSRESAKIIQDQSDNVVSHKTAAIEAMHGIKR
EALVMKEALLKGDFKAFVASMRLGWDNKKNSARTVSNAHIDEIYDAAIRAGAQAGKVSGAGGGGFMLFFVPTEKRMDLIR
TLGEYDGQVSNCHFTKNGTQAWRIAN
;
_entity_poly.pdbx_strand_id   A,B
#
loop_
_chem_comp.id
_chem_comp.type
_chem_comp.name
_chem_comp.formula
CL non-polymer 'CHLORIDE ION' 'Cl -1'
MAN D-saccharide, alpha linking alpha-D-mannopyranose 'C6 H12 O6'
#
# COMPACT_ATOMS: atom_id res chain seq x y z
N ASN A 2 -15.65 28.10 -18.33
CA ASN A 2 -16.97 27.44 -18.08
C ASN A 2 -17.00 26.70 -16.74
N PRO A 3 -18.20 26.57 -16.14
CA PRO A 3 -18.34 25.90 -14.84
C PRO A 3 -17.77 24.47 -14.82
N THR A 4 -17.06 24.16 -13.74
CA THR A 4 -16.47 22.85 -13.53
C THR A 4 -17.33 22.10 -12.53
N ILE A 5 -17.59 20.81 -12.79
CA ILE A 5 -18.25 19.97 -11.78
C ILE A 5 -17.37 18.75 -11.50
N ILE A 6 -17.01 18.57 -10.22
CA ILE A 6 -16.20 17.45 -9.73
CA ILE A 6 -16.27 17.38 -9.81
C ILE A 6 -17.01 16.64 -8.73
N ARG A 7 -16.93 15.30 -8.81
CA ARG A 7 -17.49 14.48 -7.76
C ARG A 7 -16.37 13.58 -7.27
N ALA A 8 -16.41 13.24 -5.99
CA ALA A 8 -15.49 12.27 -5.46
C ALA A 8 -16.30 11.36 -4.54
N ARG A 9 -15.86 10.11 -4.39
CA ARG A 9 -16.47 9.21 -3.44
C ARG A 9 -15.38 8.48 -2.64
N ALA A 10 -15.72 8.01 -1.46
CA ALA A 10 -14.78 7.24 -0.64
C ALA A 10 -15.56 6.19 0.12
N PRO A 11 -15.02 4.95 0.20
CA PRO A 11 -15.82 3.91 0.83
C PRO A 11 -15.81 4.02 2.36
N LEU A 12 -16.96 3.76 2.95
CA LEU A 12 -17.10 3.56 4.39
C LEU A 12 -16.46 2.22 4.81
N ARG A 13 -16.34 1.96 6.12
CA ARG A 13 -15.57 0.82 6.58
C ARG A 13 -16.17 0.08 7.77
N LEU A 14 -15.89 -1.22 7.79
CA LEU A 14 -16.20 -2.03 8.94
CA LEU A 14 -16.19 -2.09 8.89
C LEU A 14 -14.95 -2.16 9.77
N GLY A 15 -15.09 -1.89 11.06
CA GLY A 15 -13.97 -2.01 11.98
C GLY A 15 -14.01 -3.47 12.37
N LEU A 16 -13.04 -4.26 11.91
CA LEU A 16 -13.06 -5.69 12.21
C LEU A 16 -12.44 -5.99 13.56
N ALA A 17 -11.37 -5.27 13.91
CA ALA A 17 -10.71 -5.50 15.18
C ALA A 17 -9.77 -4.37 15.52
N GLY A 18 -9.53 -4.15 16.81
CA GLY A 18 -8.50 -3.20 17.25
C GLY A 18 -8.96 -1.77 17.47
N GLY A 19 -10.17 -1.44 17.00
CA GLY A 19 -10.72 -0.07 17.09
C GLY A 19 -10.68 0.44 18.53
N GLY A 20 -10.26 1.69 18.70
CA GLY A 20 -10.00 2.21 20.04
C GLY A 20 -8.52 2.28 20.41
N THR A 21 -7.74 1.29 19.98
CA THR A 21 -6.29 1.33 20.21
C THR A 21 -5.60 2.37 19.33
N ASP A 22 -6.31 2.88 18.33
CA ASP A 22 -5.74 3.89 17.42
C ASP A 22 -5.90 5.32 17.93
N VAL A 23 -6.50 5.48 19.12
CA VAL A 23 -6.74 6.82 19.67
CA VAL A 23 -6.73 6.82 19.67
C VAL A 23 -5.58 7.24 20.56
N ALA A 24 -5.23 8.52 20.45
CA ALA A 24 -4.05 9.17 21.00
C ALA A 24 -3.37 8.57 22.23
N PRO A 25 -4.02 8.66 23.41
CA PRO A 25 -3.24 8.22 24.59
C PRO A 25 -2.79 6.77 24.41
N TYR A 26 -3.68 5.88 23.99
CA TYR A 26 -3.26 4.49 23.82
C TYR A 26 -2.20 4.30 22.71
N ALA A 27 -2.48 4.84 21.52
CA ALA A 27 -1.59 4.61 20.37
C ALA A 27 -0.20 5.21 20.63
N ASP A 28 -0.16 6.38 21.26
CA ASP A 28 1.11 7.04 21.58
C ASP A 28 1.93 6.30 22.63
N THR A 29 1.27 5.63 23.57
CA THR A 29 1.95 5.00 24.72
C THR A 29 2.38 3.56 24.44
N PHE A 30 1.50 2.78 23.82
CA PHE A 30 1.71 1.34 23.64
C PHE A 30 1.75 0.92 22.17
N GLY A 31 1.27 1.78 21.28
CA GLY A 31 1.14 1.40 19.85
C GLY A 31 -0.21 0.71 19.64
N GLY A 32 -0.93 1.12 18.60
CA GLY A 32 -2.22 0.53 18.29
C GLY A 32 -2.19 -0.37 17.07
N TYR A 33 -3.16 -1.28 17.00
CA TYR A 33 -3.37 -2.11 15.80
C TYR A 33 -4.83 -2.02 15.45
N VAL A 34 -5.12 -1.81 14.17
CA VAL A 34 -6.50 -1.90 13.71
C VAL A 34 -6.56 -2.74 12.45
N LEU A 35 -7.52 -3.66 12.41
CA LEU A 35 -7.84 -4.38 11.18
C LEU A 35 -9.19 -3.87 10.70
N ASN A 36 -9.24 -3.32 9.50
CA ASN A 36 -10.51 -2.88 8.95
C ASN A 36 -10.65 -3.19 7.46
N ALA A 37 -11.86 -2.99 6.93
CA ALA A 37 -12.13 -3.31 5.54
C ALA A 37 -13.22 -2.40 5.01
N THR A 38 -13.02 -1.87 3.81
CA THR A 38 -13.98 -0.96 3.22
C THR A 38 -15.11 -1.74 2.57
N ILE A 39 -16.32 -1.18 2.65
CA ILE A 39 -17.51 -1.82 2.10
C ILE A 39 -18.14 -1.01 0.97
N ASP A 40 -19.22 -1.53 0.39
CA ASP A 40 -19.82 -0.94 -0.79
C ASP A 40 -20.80 0.20 -0.48
N ARG A 41 -20.49 1.01 0.55
CA ARG A 41 -21.30 2.18 0.95
CA ARG A 41 -21.28 2.19 0.84
C ARG A 41 -20.34 3.36 0.95
N TYR A 42 -20.79 4.50 0.44
CA TYR A 42 -19.89 5.62 0.20
C TYR A 42 -20.27 6.95 0.84
N ALA A 43 -19.25 7.77 1.14
CA ALA A 43 -19.43 9.22 1.32
C ALA A 43 -19.05 9.88 0.01
N TYR A 44 -19.69 11.01 -0.28
CA TYR A 44 -19.45 11.73 -1.52
C TYR A 44 -19.20 13.21 -1.25
N ALA A 45 -18.41 13.83 -2.11
CA ALA A 45 -18.32 15.29 -2.16
C ALA A 45 -18.45 15.75 -3.60
N VAL A 46 -19.03 16.94 -3.77
CA VAL A 46 -19.19 17.54 -5.08
C VAL A 46 -18.68 18.97 -4.98
N ILE A 47 -17.83 19.36 -5.94
CA ILE A 47 -17.45 20.75 -6.10
C ILE A 47 -18.03 21.27 -7.40
N LYS A 48 -18.77 22.37 -7.32
CA LYS A 48 -19.19 23.12 -8.51
C LYS A 48 -18.64 24.53 -8.43
N THR A 49 -17.89 24.94 -9.44
CA THR A 49 -17.36 26.30 -9.48
C THR A 49 -18.56 27.23 -9.73
N LEU A 50 -18.52 28.45 -9.20
CA LEU A 50 -19.68 29.35 -9.33
C LEU A 50 -19.36 30.57 -10.21
N THR A 51 -20.40 31.15 -10.80
CA THR A 51 -20.24 32.31 -11.69
C THR A 51 -20.54 33.62 -10.95
N ILE A 52 -20.93 33.48 -9.69
CA ILE A 52 -21.10 34.60 -8.77
C ILE A 52 -19.94 34.62 -7.74
N PRO A 53 -19.59 35.80 -7.21
CA PRO A 53 -18.53 35.84 -6.20
C PRO A 53 -18.99 35.37 -4.81
N ALA A 54 -19.14 34.05 -4.65
CA ALA A 54 -19.54 33.47 -3.36
C ALA A 54 -18.98 32.07 -3.16
N VAL A 55 -19.06 31.63 -1.92
CA VAL A 55 -18.76 30.25 -1.57
CA VAL A 55 -18.75 30.25 -1.54
C VAL A 55 -19.96 29.69 -0.80
N ARG A 56 -20.37 28.49 -1.17
CA ARG A 56 -21.51 27.84 -0.54
CA ARG A 56 -21.51 27.84 -0.54
C ARG A 56 -21.08 26.46 -0.06
N PHE A 57 -21.51 26.10 1.16
CA PHE A 57 -21.29 24.75 1.74
C PHE A 57 -22.62 24.07 2.04
N VAL A 58 -22.76 22.81 1.61
CA VAL A 58 -23.98 22.03 1.85
C VAL A 58 -23.58 20.71 2.50
N SER A 59 -24.22 20.36 3.61
CA SER A 59 -23.86 19.10 4.31
C SER A 59 -24.84 17.99 4.00
N THR A 60 -24.42 16.76 4.35
CA THR A 60 -25.23 15.53 4.22
C THR A 60 -26.65 15.66 4.77
N ASP A 61 -26.80 16.25 5.95
CA ASP A 61 -28.13 16.54 6.51
C ASP A 61 -28.67 17.90 6.06
N GLN A 62 -28.17 18.35 4.91
CA GLN A 62 -28.72 19.54 4.22
C GLN A 62 -28.70 20.88 5.00
N GLN A 63 -27.76 21.04 5.95
CA GLN A 63 -27.40 22.39 6.38
C GLN A 63 -26.66 23.10 5.26
N VAL A 64 -26.78 24.44 5.21
CA VAL A 64 -26.28 25.21 4.08
C VAL A 64 -25.79 26.55 4.59
N GLU A 65 -24.57 26.90 4.20
CA GLU A 65 -24.02 28.21 4.51
C GLU A 65 -23.53 28.87 3.24
N LYS A 66 -23.74 30.17 3.13
CA LYS A 66 -23.25 30.92 1.99
CA LYS A 66 -23.27 30.95 1.98
C LYS A 66 -22.44 32.13 2.49
N HIS A 67 -21.34 32.43 1.82
CA HIS A 67 -20.50 33.55 2.23
C HIS A 67 -20.09 34.32 0.99
N GLN A 68 -19.78 35.61 1.17
CA GLN A 68 -19.19 36.41 0.10
CA GLN A 68 -19.20 36.42 0.10
C GLN A 68 -17.71 36.07 -0.05
N LEU A 69 -17.13 36.40 -1.20
CA LEU A 69 -15.74 36.09 -1.49
C LEU A 69 -14.77 37.04 -0.78
N ILE A 70 -14.18 36.56 0.32
CA ILE A 70 -13.27 37.37 1.16
C ILE A 70 -11.87 36.75 1.25
N SER A 71 -10.84 37.61 1.22
N SER A 71 -10.83 37.60 1.22
CA SER A 71 -9.45 37.16 1.27
CA SER A 71 -9.45 37.13 1.26
C SER A 71 -8.94 36.87 2.69
C SER A 71 -8.95 36.87 2.69
N GLU A 72 -9.83 36.37 3.55
CA GLU A 72 -9.47 35.90 4.89
C GLU A 72 -9.98 34.47 5.08
N PRO A 73 -9.33 33.66 5.94
CA PRO A 73 -9.87 32.31 6.21
C PRO A 73 -11.27 32.41 6.79
N LEU A 74 -12.13 31.44 6.45
CA LEU A 74 -13.50 31.43 6.93
C LEU A 74 -13.48 31.04 8.38
N GLU A 75 -14.38 31.62 9.18
CA GLU A 75 -14.38 31.36 10.61
C GLU A 75 -15.00 30.00 10.90
N LEU A 76 -14.40 29.25 11.82
CA LEU A 76 -14.97 27.95 12.20
C LEU A 76 -15.94 28.19 13.35
N ASN A 77 -17.20 28.47 13.01
CA ASN A 77 -18.15 29.00 13.99
C ASN A 77 -19.06 27.93 14.57
N GLY A 78 -18.82 26.68 14.17
CA GLY A 78 -19.63 25.57 14.68
C GLY A 78 -20.65 25.10 13.64
N THR A 79 -20.76 25.79 12.51
CA THR A 79 -21.65 25.34 11.44
C THR A 79 -20.80 24.99 10.24
N LEU A 80 -20.84 23.72 9.85
CA LEU A 80 -20.10 23.22 8.68
CA LEU A 80 -20.10 23.21 8.69
C LEU A 80 -18.59 23.47 8.82
N ASN A 81 -18.07 23.31 10.04
CA ASN A 81 -16.64 23.52 10.29
C ASN A 81 -15.74 22.68 9.38
N LEU A 82 -16.08 21.42 9.17
CA LEU A 82 -15.19 20.55 8.37
C LEU A 82 -15.11 21.02 6.92
N HIS A 83 -16.25 21.40 6.33
CA HIS A 83 -16.26 21.97 4.98
C HIS A 83 -15.38 23.21 4.89
N LYS A 84 -15.59 24.13 5.84
CA LYS A 84 -14.84 25.39 5.86
C LYS A 84 -13.34 25.16 6.07
N ALA A 85 -13.01 24.19 6.92
CA ALA A 85 -11.60 23.90 7.22
C ALA A 85 -10.86 23.29 6.03
N VAL A 86 -11.54 22.42 5.28
CA VAL A 86 -10.96 21.89 4.06
C VAL A 86 -10.75 23.02 3.05
N TYR A 87 -11.78 23.85 2.84
CA TYR A 87 -11.69 25.00 1.94
C TYR A 87 -10.53 25.93 2.36
N ASN A 88 -10.52 26.34 3.62
CA ASN A 88 -9.43 27.18 4.17
C ASN A 88 -8.02 26.63 3.85
N HIS A 89 -7.80 25.34 4.17
CA HIS A 89 -6.53 24.70 3.86
C HIS A 89 -6.15 24.74 2.39
N MET A 90 -7.09 24.40 1.50
CA MET A 90 -6.81 24.41 0.05
C MET A 90 -6.52 25.81 -0.51
N ILE A 91 -7.32 26.79 -0.11
CA ILE A 91 -7.10 28.16 -0.58
C ILE A 91 -5.76 28.72 -0.07
N ARG A 92 -5.45 28.47 1.20
CA ARG A 92 -4.20 28.93 1.78
CA ARG A 92 -4.19 28.93 1.79
C ARG A 92 -2.98 28.23 1.17
N ASN A 93 -3.02 26.91 1.09
CA ASN A 93 -1.83 26.16 0.66
C ASN A 93 -1.63 26.00 -0.83
N TYR A 94 -2.70 26.04 -1.61
CA TYR A 94 -2.60 25.80 -3.03
C TYR A 94 -3.08 26.94 -3.90
N ASN A 95 -3.67 27.97 -3.32
CA ASN A 95 -4.12 29.06 -4.16
C ASN A 95 -3.67 30.42 -3.65
N HIS A 96 -2.56 30.41 -2.92
CA HIS A 96 -1.88 31.62 -2.46
C HIS A 96 -2.80 32.52 -1.68
N GLY A 97 -3.86 31.95 -1.10
CA GLY A 97 -4.79 32.70 -0.27
C GLY A 97 -5.89 33.43 -1.03
N LYS A 98 -5.96 33.22 -2.35
CA LYS A 98 -7.03 33.81 -3.16
CA LYS A 98 -7.04 33.81 -3.15
C LYS A 98 -8.26 32.90 -3.13
N PRO A 99 -9.40 33.43 -2.65
CA PRO A 99 -10.66 32.68 -2.60
C PRO A 99 -11.06 32.16 -3.97
N ILE A 100 -11.67 30.98 -3.99
CA ILE A 100 -12.25 30.42 -5.20
C ILE A 100 -13.77 30.36 -5.00
N ALA A 101 -14.50 30.83 -6.00
CA ALA A 101 -15.96 30.77 -5.99
C ALA A 101 -16.43 29.37 -6.36
N LEU A 102 -17.00 28.69 -5.37
CA LEU A 102 -17.43 27.32 -5.56
C LEU A 102 -18.48 26.93 -4.54
N GLU A 103 -19.21 25.86 -4.84
CA GLU A 103 -20.09 25.21 -3.90
C GLU A 103 -19.49 23.84 -3.55
N LEU A 104 -19.24 23.60 -2.27
CA LEU A 104 -18.81 22.28 -1.77
C LEU A 104 -19.95 21.60 -1.03
N SER A 105 -20.44 20.48 -1.58
CA SER A 105 -21.51 19.70 -0.97
CA SER A 105 -21.53 19.69 -0.99
C SER A 105 -21.10 18.27 -0.68
N THR A 106 -21.71 17.68 0.33
CA THR A 106 -21.43 16.30 0.68
C THR A 106 -22.73 15.55 0.88
N PHE A 107 -22.68 14.23 0.69
CA PHE A 107 -23.78 13.35 1.06
C PHE A 107 -23.19 11.99 1.37
N CYS A 108 -23.98 11.12 1.98
CA CYS A 108 -23.43 9.84 2.45
C CYS A 108 -24.48 8.72 2.47
N ASP A 109 -24.03 7.52 2.16
CA ASP A 109 -24.87 6.32 2.14
C ASP A 109 -25.26 5.82 3.53
N ALA A 110 -24.66 6.38 4.59
CA ALA A 110 -25.08 6.04 5.94
C ALA A 110 -25.13 7.33 6.75
N PRO A 111 -26.06 7.43 7.70
CA PRO A 111 -26.11 8.66 8.50
C PRO A 111 -25.04 8.68 9.58
N ALA A 112 -24.94 9.82 10.26
CA ALA A 112 -24.00 9.98 11.37
C ALA A 112 -24.34 8.98 12.49
N GLY A 113 -23.31 8.53 13.19
CA GLY A 113 -23.48 7.52 14.25
C GLY A 113 -23.70 6.07 13.80
N SER A 114 -23.33 5.75 12.55
CA SER A 114 -23.56 4.40 12.00
C SER A 114 -22.48 3.37 12.38
N GLY A 115 -21.36 3.84 12.93
CA GLY A 115 -20.26 2.92 13.23
C GLY A 115 -19.45 2.55 11.99
N LEU A 116 -19.64 3.29 10.89
CA LEU A 116 -18.94 2.98 9.63
C LEU A 116 -17.86 3.97 9.26
N GLY A 117 -17.47 4.83 10.21
CA GLY A 117 -16.40 5.78 9.95
C GLY A 117 -16.74 6.96 9.07
N SER A 118 -18.01 7.33 8.99
CA SER A 118 -18.43 8.35 8.00
C SER A 118 -17.89 9.75 8.26
N SER A 119 -17.78 10.15 9.52
CA SER A 119 -17.24 11.49 9.79
C SER A 119 -15.91 11.76 9.11
N SER A 120 -14.93 10.87 9.33
CA SER A 120 -13.60 11.06 8.72
C SER A 120 -13.62 10.74 7.24
N THR A 121 -14.45 9.79 6.84
CA THR A 121 -14.53 9.45 5.42
C THR A 121 -15.02 10.67 4.64
N LEU A 122 -15.95 11.42 5.23
CA LEU A 122 -16.44 12.68 4.61
C LEU A 122 -15.34 13.69 4.42
N VAL A 123 -14.47 13.86 5.42
CA VAL A 123 -13.32 14.75 5.25
C VAL A 123 -12.38 14.31 4.10
N VAL A 124 -12.08 13.01 4.05
CA VAL A 124 -11.23 12.46 2.98
C VAL A 124 -11.82 12.77 1.61
N VAL A 125 -13.13 12.57 1.47
CA VAL A 125 -13.75 12.76 0.16
C VAL A 125 -13.78 14.24 -0.25
N MET A 126 -13.92 15.14 0.71
CA MET A 126 -13.82 16.58 0.41
C MET A 126 -12.40 16.95 -0.07
N ILE A 127 -11.39 16.41 0.60
CA ILE A 127 -10.00 16.60 0.18
C ILE A 127 -9.77 16.06 -1.23
N LYS A 128 -10.28 14.86 -1.48
CA LYS A 128 -10.12 14.23 -2.81
C LYS A 128 -10.73 15.08 -3.93
N ALA A 129 -11.90 15.66 -3.68
CA ALA A 129 -12.51 16.57 -4.68
C ALA A 129 -11.59 17.75 -5.00
N PHE A 130 -10.97 18.30 -3.98
CA PHE A 130 -10.00 19.38 -4.19
C PHE A 130 -8.71 18.94 -4.87
N VAL A 131 -8.25 17.72 -4.54
CA VAL A 131 -7.13 17.10 -5.24
C VAL A 131 -7.39 17.06 -6.74
N GLU A 132 -8.61 16.66 -7.11
CA GLU A 132 -9.03 16.60 -8.51
C GLU A 132 -9.19 17.99 -9.11
N LEU A 133 -9.84 18.90 -8.38
CA LEU A 133 -10.06 20.26 -8.87
C LEU A 133 -8.74 20.98 -9.17
N LEU A 134 -7.82 20.90 -8.22
CA LEU A 134 -6.58 21.64 -8.29
C LEU A 134 -5.43 20.83 -8.89
N ASN A 135 -5.68 19.55 -9.20
CA ASN A 135 -4.64 18.66 -9.75
C ASN A 135 -3.42 18.59 -8.80
N LEU A 136 -3.67 18.17 -7.56
CA LEU A 136 -2.63 18.18 -6.54
C LEU A 136 -1.92 16.84 -6.54
N PRO A 137 -0.59 16.85 -6.31
CA PRO A 137 0.12 15.55 -6.25
C PRO A 137 0.14 14.92 -4.85
N LEU A 138 -0.98 14.95 -4.13
CA LEU A 138 -1.02 14.41 -2.79
C LEU A 138 -1.11 12.88 -2.86
N ASP A 139 -0.14 12.17 -2.30
CA ASP A 139 -0.26 10.71 -2.23
C ASP A 139 -1.21 10.26 -1.11
N ASP A 140 -1.48 8.95 -1.03
CA ASP A 140 -2.45 8.41 -0.08
C ASP A 140 -2.11 8.67 1.38
N TYR A 141 -0.86 8.41 1.76
CA TYR A 141 -0.41 8.82 3.11
C TYR A 141 -0.69 10.32 3.38
N ALA A 142 -0.39 11.19 2.42
CA ALA A 142 -0.57 12.63 2.60
C ALA A 142 -2.04 12.99 2.74
N ILE A 143 -2.92 12.40 1.92
CA ILE A 143 -4.35 12.67 2.04
C ILE A 143 -4.87 12.23 3.41
N ALA A 144 -4.52 11.02 3.84
CA ALA A 144 -5.01 10.51 5.13
C ALA A 144 -4.50 11.39 6.31
N GLN A 145 -3.24 11.80 6.23
CA GLN A 145 -2.62 12.68 7.24
CA GLN A 145 -2.63 12.66 7.24
C GLN A 145 -3.28 14.06 7.26
N LEU A 146 -3.55 14.61 6.07
CA LEU A 146 -4.23 15.90 5.98
C LEU A 146 -5.63 15.81 6.59
N ALA A 147 -6.38 14.75 6.27
CA ALA A 147 -7.71 14.58 6.84
C ALA A 147 -7.67 14.52 8.36
N TYR A 148 -6.67 13.82 8.92
CA TYR A 148 -6.48 13.79 10.36
C TYR A 148 -6.29 15.21 10.91
N ARG A 149 -5.35 15.95 10.33
CA ARG A 149 -5.02 17.31 10.76
CA ARG A 149 -5.03 17.30 10.79
C ARG A 149 -6.25 18.21 10.75
N ILE A 150 -6.95 18.21 9.63
CA ILE A 150 -8.11 19.06 9.45
CA ILE A 150 -8.14 19.03 9.42
C ILE A 150 -9.18 18.76 10.51
N GLU A 151 -9.48 17.48 10.73
CA GLU A 151 -10.57 17.13 11.62
C GLU A 151 -10.20 17.24 13.10
N ARG A 152 -9.02 16.73 13.43
CA ARG A 152 -8.63 16.57 14.82
C ARG A 152 -7.93 17.80 15.38
N VAL A 153 -7.21 18.53 14.53
CA VAL A 153 -6.45 19.69 14.97
C VAL A 153 -7.18 20.98 14.62
N ASP A 154 -7.35 21.26 13.33
CA ASP A 154 -8.04 22.48 12.90
C ASP A 154 -9.44 22.58 13.49
N CYS A 155 -10.20 21.49 13.47
CA CYS A 155 -11.58 21.50 13.99
C CYS A 155 -11.69 20.94 15.40
N GLY A 156 -10.57 20.51 15.96
CA GLY A 156 -10.52 20.02 17.32
C GLY A 156 -11.43 18.85 17.67
N LEU A 157 -11.77 17.99 16.69
CA LEU A 157 -12.66 16.85 17.00
C LEU A 157 -11.86 15.61 17.36
N ALA A 158 -12.11 15.06 18.55
CA ALA A 158 -11.29 13.97 19.09
C ALA A 158 -11.60 12.66 18.38
N GLY A 159 -10.60 11.79 18.28
CA GLY A 159 -10.83 10.47 17.69
C GLY A 159 -9.53 9.83 17.28
N GLY A 160 -9.61 8.75 16.51
CA GLY A 160 -8.41 8.01 16.10
C GLY A 160 -7.97 8.29 14.68
N ARG A 161 -7.28 7.31 14.10
CA ARG A 161 -6.63 7.48 12.82
C ARG A 161 -7.10 6.49 11.76
N GLN A 162 -7.83 5.45 12.17
CA GLN A 162 -8.08 4.32 11.25
C GLN A 162 -8.98 4.71 10.08
N ASP A 163 -9.94 5.62 10.30
CA ASP A 163 -10.94 5.93 9.27
C ASP A 163 -10.34 6.70 8.11
N GLN A 164 -9.38 7.57 8.41
CA GLN A 164 -8.72 8.37 7.37
C GLN A 164 -8.02 7.46 6.39
N TYR A 165 -7.43 6.40 6.92
CA TYR A 165 -6.63 5.47 6.10
C TYR A 165 -7.51 4.51 5.28
N SER A 166 -8.59 3.99 5.89
CA SER A 166 -9.51 3.11 5.15
C SER A 166 -10.16 3.86 4.00
N ALA A 167 -10.56 5.10 4.25
CA ALA A 167 -11.29 5.90 3.23
C ALA A 167 -10.39 6.22 2.04
N THR A 168 -9.12 6.45 2.35
CA THR A 168 -8.13 6.86 1.35
C THR A 168 -7.61 5.65 0.57
N PHE A 169 -7.15 4.61 1.30
CA PHE A 169 -6.45 3.46 0.69
C PHE A 169 -7.44 2.45 0.13
N GLY A 170 -8.51 2.15 0.87
CA GLY A 170 -9.48 1.13 0.46
C GLY A 170 -8.95 -0.28 0.74
N GLY A 171 -9.84 -1.25 0.66
CA GLY A 171 -9.48 -2.66 0.80
C GLY A 171 -9.42 -3.14 2.24
N PHE A 172 -8.81 -4.30 2.45
CA PHE A 172 -8.59 -4.85 3.78
C PHE A 172 -7.21 -4.40 4.19
N ASN A 173 -7.13 -3.72 5.33
CA ASN A 173 -5.86 -3.19 5.79
C ASN A 173 -5.65 -3.50 7.26
N PHE A 174 -4.40 -3.81 7.61
CA PHE A 174 -3.99 -3.93 9.02
C PHE A 174 -3.07 -2.73 9.28
N MET A 175 -3.49 -1.88 10.21
CA MET A 175 -2.77 -0.65 10.43
CA MET A 175 -2.80 -0.61 10.47
C MET A 175 -2.07 -0.64 11.78
N GLU A 176 -0.85 -0.10 11.78
CA GLU A 176 -0.05 0.06 12.99
C GLU A 176 0.07 1.55 13.32
N PHE A 177 -0.30 1.92 14.54
CA PHE A 177 -0.30 3.32 14.94
C PHE A 177 0.73 3.54 16.05
N TYR A 178 1.65 4.46 15.83
CA TYR A 178 2.70 4.76 16.78
C TYR A 178 2.65 6.23 17.16
N ALA A 179 3.51 6.64 18.09
CA ALA A 179 3.62 8.04 18.50
C ALA A 179 4.04 8.93 17.35
N ALA A 180 3.89 10.25 17.55
CA ALA A 180 4.28 11.25 16.55
C ALA A 180 3.60 11.04 15.20
N ALA A 181 2.34 10.65 15.22
CA ALA A 181 1.53 10.50 13.99
C ALA A 181 2.13 9.53 12.96
N ARG A 182 2.90 8.55 13.43
CA ARG A 182 3.46 7.55 12.52
C ARG A 182 2.48 6.37 12.36
N THR A 183 2.05 6.15 11.12
CA THR A 183 1.13 5.06 10.80
C THR A 183 1.72 4.17 9.70
N ILE A 184 1.61 2.85 9.87
CA ILE A 184 1.99 1.95 8.80
C ILE A 184 0.73 1.21 8.31
N VAL A 185 0.42 1.37 7.01
CA VAL A 185 -0.70 0.66 6.41
C VAL A 185 -0.18 -0.62 5.75
N ASN A 186 -0.71 -1.76 6.20
CA ASN A 186 -0.40 -3.07 5.61
C ASN A 186 -1.61 -3.60 4.85
N PRO A 187 -1.63 -3.42 3.52
CA PRO A 187 -2.71 -4.02 2.71
C PRO A 187 -2.68 -5.54 2.80
N LEU A 188 -3.84 -6.15 3.03
CA LEU A 188 -3.87 -7.57 3.18
C LEU A 188 -4.30 -8.15 1.84
N ARG A 189 -3.44 -8.98 1.28
CA ARG A 189 -3.75 -9.57 0.00
CA ARG A 189 -3.70 -9.60 -0.01
C ARG A 189 -4.44 -10.90 0.28
N ILE A 190 -5.75 -10.79 0.49
CA ILE A 190 -6.56 -11.93 0.93
CA ILE A 190 -6.53 -11.93 0.93
C ILE A 190 -6.90 -12.80 -0.28
N LYS A 191 -6.76 -14.10 -0.14
CA LYS A 191 -7.08 -15.03 -1.22
C LYS A 191 -8.54 -14.90 -1.62
N ASN A 192 -8.82 -15.11 -2.90
CA ASN A 192 -10.18 -14.98 -3.38
CA ASN A 192 -10.19 -14.99 -3.39
C ASN A 192 -11.19 -15.87 -2.64
N TRP A 193 -10.82 -17.14 -2.40
CA TRP A 193 -11.72 -18.04 -1.66
C TRP A 193 -12.01 -17.52 -0.25
N VAL A 194 -11.02 -16.90 0.39
CA VAL A 194 -11.20 -16.38 1.74
C VAL A 194 -12.19 -15.22 1.76
N LEU A 195 -12.05 -14.27 0.81
CA LEU A 195 -12.97 -13.15 0.68
CA LEU A 195 -12.96 -13.15 0.67
C LEU A 195 -14.40 -13.62 0.40
N CYS A 196 -14.54 -14.56 -0.53
CA CYS A 196 -15.86 -15.10 -0.83
C CYS A 196 -16.45 -15.77 0.39
N GLU A 197 -15.65 -16.59 1.08
CA GLU A 197 -16.14 -17.33 2.27
C GLU A 197 -16.56 -16.36 3.37
N LEU A 198 -15.78 -15.29 3.51
CA LEU A 198 -16.05 -14.28 4.54
C LEU A 198 -17.34 -13.54 4.23
N GLU A 199 -17.53 -13.10 2.98
CA GLU A 199 -18.80 -12.46 2.59
C GLU A 199 -20.00 -13.39 2.75
N ALA A 200 -19.82 -14.67 2.44
CA ALA A 200 -20.89 -15.65 2.59
C ALA A 200 -21.26 -15.90 4.07
N SER A 201 -20.36 -15.54 4.98
CA SER A 201 -20.54 -15.80 6.40
C SER A 201 -20.84 -14.56 7.23
N LEU A 202 -20.82 -13.38 6.62
CA LEU A 202 -21.10 -12.16 7.37
C LEU A 202 -22.51 -11.64 7.15
N VAL A 203 -23.16 -11.26 8.25
CA VAL A 203 -24.45 -10.57 8.19
C VAL A 203 -24.31 -9.21 8.92
N LEU A 204 -24.74 -8.13 8.28
CA LEU A 204 -24.75 -6.78 8.88
C LEU A 204 -26.12 -6.45 9.44
N PHE A 205 -26.13 -5.77 10.58
CA PHE A 205 -27.39 -5.38 11.18
C PHE A 205 -27.31 -3.96 11.74
N TYR A 206 -28.05 -3.04 11.09
CA TYR A 206 -28.06 -1.63 11.53
C TYR A 206 -29.02 -1.46 12.70
N THR A 207 -28.52 -1.06 13.87
CA THR A 207 -29.36 -1.03 15.08
C THR A 207 -29.99 0.34 15.35
N GLY A 208 -29.57 1.35 14.61
CA GLY A 208 -29.95 2.73 14.89
C GLY A 208 -28.72 3.58 15.17
N VAL A 209 -28.94 4.87 15.38
CA VAL A 209 -27.87 5.85 15.56
C VAL A 209 -27.15 5.65 16.90
N SER A 210 -25.81 5.62 16.90
CA SER A 210 -25.08 5.67 18.16
C SER A 210 -24.79 7.10 18.53
N ARG A 211 -25.06 7.43 19.80
CA ARG A 211 -24.67 8.74 20.37
C ARG A 211 -23.52 8.53 21.37
N GLU A 212 -22.91 7.36 21.36
CA GLU A 212 -21.90 7.00 22.38
C GLU A 212 -20.44 7.19 21.99
N SER A 213 -20.13 7.44 20.72
CA SER A 213 -18.74 7.45 20.25
C SER A 213 -17.85 8.38 21.04
N ALA A 214 -18.31 9.62 21.24
CA ALA A 214 -17.52 10.62 21.95
C ALA A 214 -17.22 10.16 23.38
N LYS A 215 -18.24 9.63 24.06
CA LYS A 215 -18.13 9.16 25.44
C LYS A 215 -17.18 7.95 25.55
N ILE A 216 -17.30 7.01 24.62
CA ILE A 216 -16.45 5.80 24.66
C ILE A 216 -14.96 6.17 24.48
N ILE A 217 -14.70 7.07 23.54
CA ILE A 217 -13.35 7.47 23.23
C ILE A 217 -12.78 8.27 24.40
N GLN A 218 -13.60 9.11 25.00
CA GLN A 218 -13.20 9.84 26.21
C GLN A 218 -12.85 8.88 27.35
N ASP A 219 -13.70 7.88 27.55
CA ASP A 219 -13.47 6.87 28.58
C ASP A 219 -12.20 6.05 28.34
N GLN A 220 -11.99 5.64 27.09
CA GLN A 220 -10.79 4.87 26.76
C GLN A 220 -9.52 5.70 26.95
N SER A 221 -9.61 7.00 26.64
CA SER A 221 -8.48 7.88 26.82
CA SER A 221 -8.50 7.93 26.83
C SER A 221 -8.19 8.08 28.32
N ASP A 222 -9.25 8.24 29.12
CA ASP A 222 -9.13 8.31 30.58
C ASP A 222 -8.56 7.05 31.23
N ASN A 223 -8.89 5.87 30.69
CA ASN A 223 -8.30 4.58 31.15
C ASN A 223 -6.78 4.68 31.24
N VAL A 224 -6.20 5.19 30.17
CA VAL A 224 -4.75 5.29 30.02
C VAL A 224 -4.19 6.39 30.93
N VAL A 225 -4.76 7.59 30.81
CA VAL A 225 -4.29 8.76 31.55
C VAL A 225 -4.36 8.54 33.07
N SER A 226 -5.47 7.98 33.55
CA SER A 226 -5.64 7.78 34.98
CA SER A 226 -5.66 7.78 34.98
C SER A 226 -5.19 6.41 35.46
N HIS A 227 -4.50 5.66 34.59
CA HIS A 227 -3.96 4.35 34.95
C HIS A 227 -5.01 3.39 35.52
N LYS A 228 -6.12 3.21 34.80
CA LYS A 228 -7.11 2.22 35.20
C LYS A 228 -6.68 0.85 34.71
N THR A 229 -6.06 0.09 35.60
CA THR A 229 -5.33 -1.12 35.25
C THR A 229 -6.13 -2.14 34.45
N ALA A 230 -7.30 -2.51 34.94
CA ALA A 230 -8.11 -3.52 34.28
C ALA A 230 -8.61 -3.06 32.92
N ALA A 231 -9.04 -1.81 32.84
CA ALA A 231 -9.56 -1.26 31.59
C ALA A 231 -8.44 -1.09 30.55
N ILE A 232 -7.24 -0.75 31.00
CA ILE A 232 -6.07 -0.76 30.11
C ILE A 232 -5.76 -2.17 29.59
N GLU A 233 -5.88 -3.17 30.46
CA GLU A 233 -5.64 -4.54 30.06
C GLU A 233 -6.71 -5.02 29.06
N ALA A 234 -7.93 -4.51 29.18
CA ALA A 234 -8.97 -4.80 28.18
C ALA A 234 -8.53 -4.26 26.82
N MET A 235 -7.92 -3.07 26.80
CA MET A 235 -7.44 -2.47 25.57
C MET A 235 -6.24 -3.22 24.99
N HIS A 236 -5.34 -3.72 25.84
CA HIS A 236 -4.25 -4.59 25.38
C HIS A 236 -4.81 -5.84 24.69
N GLY A 237 -5.93 -6.32 25.18
CA GLY A 237 -6.63 -7.47 24.61
C GLY A 237 -7.22 -7.15 23.25
N ILE A 238 -7.82 -5.96 23.12
CA ILE A 238 -8.34 -5.46 21.82
C ILE A 238 -7.20 -5.50 20.78
N LYS A 239 -6.05 -4.92 21.14
CA LYS A 239 -4.86 -4.93 20.31
C LYS A 239 -4.37 -6.34 19.91
N ARG A 240 -4.20 -7.22 20.90
CA ARG A 240 -3.73 -8.58 20.65
C ARG A 240 -4.63 -9.31 19.63
N GLU A 241 -5.93 -9.18 19.82
CA GLU A 241 -6.88 -9.91 18.98
C GLU A 241 -6.96 -9.37 17.55
N ALA A 242 -6.62 -8.08 17.37
CA ALA A 242 -6.52 -7.53 16.02
C ALA A 242 -5.41 -8.24 15.23
N LEU A 243 -4.26 -8.48 15.88
CA LEU A 243 -3.18 -9.22 15.20
C LEU A 243 -3.56 -10.69 14.92
N VAL A 244 -4.24 -11.33 15.87
CA VAL A 244 -4.68 -12.71 15.72
C VAL A 244 -5.66 -12.81 14.54
N MET A 245 -6.56 -11.83 14.42
CA MET A 245 -7.55 -11.85 13.34
C MET A 245 -6.90 -11.65 11.96
N LYS A 246 -5.94 -10.73 11.89
CA LYS A 246 -5.18 -10.50 10.66
C LYS A 246 -4.47 -11.77 10.18
N GLU A 247 -3.77 -12.44 11.09
CA GLU A 247 -3.09 -13.69 10.74
C GLU A 247 -4.11 -14.77 10.34
N ALA A 248 -5.27 -14.80 11.00
CA ALA A 248 -6.35 -15.76 10.65
C ALA A 248 -6.81 -15.56 9.21
N LEU A 249 -7.01 -14.31 8.79
CA LEU A 249 -7.42 -14.01 7.40
C LEU A 249 -6.32 -14.37 6.40
N LEU A 250 -5.08 -14.03 6.70
CA LEU A 250 -3.97 -14.37 5.79
C LEU A 250 -3.80 -15.87 5.66
N LYS A 251 -4.10 -16.62 6.72
CA LYS A 251 -3.95 -18.09 6.70
C LYS A 251 -5.22 -18.83 6.28
N GLY A 252 -6.29 -18.09 6.00
CA GLY A 252 -7.61 -18.69 5.75
C GLY A 252 -8.09 -19.61 6.86
N ASP A 253 -7.90 -19.16 8.11
CA ASP A 253 -8.25 -19.96 9.28
C ASP A 253 -9.51 -19.40 9.92
N PHE A 254 -10.68 -19.87 9.46
CA PHE A 254 -11.95 -19.31 9.96
C PHE A 254 -12.29 -19.63 11.42
N LYS A 255 -11.79 -20.75 11.93
CA LYS A 255 -11.90 -21.09 13.35
CA LYS A 255 -11.91 -21.08 13.35
C LYS A 255 -11.19 -20.05 14.23
N ALA A 256 -9.96 -19.71 13.87
CA ALA A 256 -9.20 -18.66 14.60
C ALA A 256 -9.84 -17.29 14.43
N PHE A 257 -10.42 -17.03 13.26
CA PHE A 257 -11.09 -15.74 13.00
C PHE A 257 -12.24 -15.53 13.99
N VAL A 258 -13.13 -16.52 14.11
CA VAL A 258 -14.29 -16.36 15.01
C VAL A 258 -13.89 -16.33 16.50
N ALA A 259 -12.88 -17.10 16.87
CA ALA A 259 -12.38 -17.08 18.26
C ALA A 259 -11.85 -15.70 18.63
N SER A 260 -11.08 -15.09 17.71
CA SER A 260 -10.52 -13.77 17.96
CA SER A 260 -10.53 -13.76 17.93
C SER A 260 -11.61 -12.69 18.01
N MET A 261 -12.67 -12.83 17.20
CA MET A 261 -13.77 -11.87 17.24
C MET A 261 -14.50 -11.95 18.60
N ARG A 262 -14.69 -13.17 19.11
CA ARG A 262 -15.36 -13.34 20.41
C ARG A 262 -14.54 -12.69 21.53
N LEU A 263 -13.23 -12.93 21.52
CA LEU A 263 -12.35 -12.41 22.56
CA LEU A 263 -12.36 -12.40 22.58
C LEU A 263 -12.25 -10.88 22.44
N GLY A 264 -12.13 -10.41 21.19
CA GLY A 264 -12.10 -8.99 20.89
C GLY A 264 -13.33 -8.27 21.42
N TRP A 265 -14.50 -8.85 21.17
CA TRP A 265 -15.76 -8.24 21.59
C TRP A 265 -15.86 -8.17 23.13
N ASP A 266 -15.45 -9.25 23.81
CA ASP A 266 -15.43 -9.24 25.29
C ASP A 266 -14.53 -8.13 25.80
N ASN A 267 -13.32 -8.04 25.25
CA ASN A 267 -12.35 -6.98 25.60
C ASN A 267 -12.85 -5.57 25.32
N LYS A 268 -13.46 -5.40 24.15
CA LYS A 268 -13.99 -4.11 23.75
C LYS A 268 -15.06 -3.63 24.75
N LYS A 269 -15.99 -4.53 25.11
CA LYS A 269 -17.03 -4.19 26.09
C LYS A 269 -16.44 -3.84 27.46
N ASN A 270 -15.36 -4.52 27.84
CA ASN A 270 -14.66 -4.24 29.11
C ASN A 270 -13.82 -2.97 29.13
N SER A 271 -13.56 -2.39 27.96
CA SER A 271 -12.73 -1.18 27.86
C SER A 271 -13.49 0.11 28.14
N ALA A 272 -14.81 0.09 28.00
CA ALA A 272 -15.64 1.28 28.21
C ALA A 272 -17.08 0.88 28.47
N ARG A 273 -17.68 1.55 29.45
CA ARG A 273 -18.99 1.15 29.97
CA ARG A 273 -19.00 1.17 29.99
C ARG A 273 -20.09 1.12 28.93
N THR A 274 -20.11 2.11 28.03
CA THR A 274 -21.22 2.23 27.07
C THR A 274 -21.04 1.60 25.69
N VAL A 275 -19.98 0.79 25.52
CA VAL A 275 -19.74 0.07 24.25
C VAL A 275 -20.93 -0.83 23.92
N SER A 276 -21.39 -1.57 24.91
CA SER A 276 -22.63 -2.32 24.74
C SER A 276 -23.67 -1.86 25.76
N ASN A 277 -24.88 -2.35 25.60
CA ASN A 277 -25.97 -2.06 26.53
C ASN A 277 -26.94 -3.23 26.47
N ALA A 278 -28.02 -3.16 27.26
CA ALA A 278 -28.96 -4.27 27.35
C ALA A 278 -29.63 -4.54 26.00
N HIS A 279 -29.94 -3.47 25.26
CA HIS A 279 -30.55 -3.58 23.94
C HIS A 279 -29.62 -4.29 22.94
N ILE A 280 -28.35 -3.89 22.89
CA ILE A 280 -27.38 -4.52 21.99
C ILE A 280 -27.12 -5.98 22.42
N ASP A 281 -27.03 -6.19 23.74
CA ASP A 281 -26.84 -7.55 24.26
C ASP A 281 -27.98 -8.51 23.94
N GLU A 282 -29.22 -8.00 23.93
CA GLU A 282 -30.38 -8.82 23.59
C GLU A 282 -30.29 -9.27 22.13
N ILE A 283 -30.02 -8.33 21.23
CA ILE A 283 -29.82 -8.65 19.82
C ILE A 283 -28.67 -9.64 19.66
N TYR A 284 -27.55 -9.39 20.34
CA TYR A 284 -26.39 -10.27 20.25
C TYR A 284 -26.76 -11.68 20.71
N ASP A 285 -27.42 -11.75 21.87
CA ASP A 285 -27.82 -13.04 22.41
C ASP A 285 -28.73 -13.80 21.44
N ALA A 286 -29.72 -13.10 20.88
CA ALA A 286 -30.63 -13.71 19.92
C ALA A 286 -29.90 -14.21 18.66
N ALA A 287 -28.93 -13.43 18.17
CA ALA A 287 -28.15 -13.84 17.01
C ALA A 287 -27.36 -15.13 17.28
N ILE A 288 -26.70 -15.20 18.43
CA ILE A 288 -25.97 -16.41 18.82
C ILE A 288 -26.89 -17.63 18.93
N ARG A 289 -28.05 -17.46 19.58
CA ARG A 289 -29.01 -18.56 19.70
CA ARG A 289 -29.06 -18.52 19.70
C ARG A 289 -29.49 -19.03 18.33
N ALA A 290 -29.63 -18.11 17.39
CA ALA A 290 -30.05 -18.43 16.01
C ALA A 290 -28.95 -19.15 15.22
N GLY A 291 -27.72 -19.14 15.74
CA GLY A 291 -26.63 -19.83 15.08
C GLY A 291 -25.40 -19.02 14.72
N ALA A 292 -25.41 -17.70 14.93
CA ALA A 292 -24.19 -16.91 14.75
C ALA A 292 -23.11 -17.43 15.70
N GLN A 293 -21.85 -17.38 15.26
CA GLN A 293 -20.71 -17.86 16.06
C GLN A 293 -19.99 -16.73 16.79
N ALA A 294 -20.10 -15.53 16.23
CA ALA A 294 -19.46 -14.37 16.81
C ALA A 294 -20.13 -13.12 16.26
N GLY A 295 -19.91 -12.00 16.91
CA GLY A 295 -20.47 -10.74 16.45
C GLY A 295 -19.88 -9.58 17.23
N LYS A 296 -20.16 -8.37 16.78
CA LYS A 296 -19.63 -7.18 17.44
C LYS A 296 -20.27 -5.94 16.87
N VAL A 297 -20.07 -4.81 17.53
CA VAL A 297 -20.48 -3.54 16.99
CA VAL A 297 -20.48 -3.54 16.97
C VAL A 297 -19.30 -2.94 16.23
N SER A 298 -19.54 -2.43 15.02
CA SER A 298 -18.52 -1.75 14.23
C SER A 298 -18.40 -0.33 14.79
N GLY A 299 -17.21 0.24 14.76
CA GLY A 299 -17.06 1.55 15.37
C GLY A 299 -16.93 1.46 16.90
N ALA A 300 -17.05 2.61 17.56
CA ALA A 300 -16.72 2.71 18.99
C ALA A 300 -17.65 1.86 19.84
N GLY A 301 -18.94 1.82 19.45
CA GLY A 301 -19.91 1.06 20.21
C GLY A 301 -21.15 1.88 20.50
N GLY A 302 -22.07 1.28 21.25
CA GLY A 302 -23.28 1.97 21.71
C GLY A 302 -24.44 2.07 20.72
N GLY A 303 -24.29 1.45 19.55
CA GLY A 303 -25.35 1.48 18.51
C GLY A 303 -24.65 1.44 17.15
N GLY A 304 -25.38 1.74 16.09
CA GLY A 304 -24.78 1.68 14.76
C GLY A 304 -24.84 0.26 14.24
N PHE A 305 -23.98 -0.04 13.27
CA PHE A 305 -23.94 -1.35 12.65
C PHE A 305 -23.34 -2.43 13.53
N MET A 306 -24.04 -3.56 13.62
CA MET A 306 -23.45 -4.78 14.14
C MET A 306 -23.09 -5.72 13.00
N LEU A 307 -22.10 -6.55 13.24
CA LEU A 307 -21.74 -7.57 12.25
CA LEU A 307 -21.67 -7.55 12.27
C LEU A 307 -21.68 -8.93 12.94
N PHE A 308 -22.17 -9.95 12.22
CA PHE A 308 -22.23 -11.30 12.74
C PHE A 308 -21.54 -12.28 11.81
N PHE A 309 -20.81 -13.23 12.40
CA PHE A 309 -20.26 -14.31 11.61
C PHE A 309 -21.14 -15.52 11.84
N VAL A 310 -21.68 -16.07 10.75
CA VAL A 310 -22.64 -17.16 10.84
C VAL A 310 -22.27 -18.24 9.81
N PRO A 311 -22.28 -19.52 10.22
CA PRO A 311 -21.97 -20.56 9.24
C PRO A 311 -23.09 -20.55 8.22
N THR A 312 -22.79 -20.92 6.98
CA THR A 312 -23.75 -20.71 5.89
C THR A 312 -25.07 -21.48 6.10
N GLU A 313 -25.02 -22.64 6.76
CA GLU A 313 -26.23 -23.42 7.00
CA GLU A 313 -26.25 -23.41 6.99
C GLU A 313 -27.18 -22.79 8.05
N LYS A 314 -26.70 -21.77 8.77
CA LYS A 314 -27.54 -21.01 9.72
C LYS A 314 -27.85 -19.58 9.26
N ARG A 315 -27.32 -19.20 8.11
CA ARG A 315 -27.43 -17.82 7.63
C ARG A 315 -28.87 -17.33 7.51
N MET A 316 -29.72 -18.10 6.83
CA MET A 316 -31.10 -17.68 6.65
C MET A 316 -31.87 -17.62 7.98
N ASP A 317 -31.57 -18.54 8.90
CA ASP A 317 -32.18 -18.50 10.23
C ASP A 317 -31.80 -17.21 10.97
N LEU A 318 -30.52 -16.85 10.91
CA LEU A 318 -30.08 -15.60 11.53
C LEU A 318 -30.81 -14.40 10.92
N ILE A 319 -30.88 -14.36 9.59
CA ILE A 319 -31.58 -13.26 8.91
C ILE A 319 -33.04 -13.16 9.36
N ARG A 320 -33.72 -14.31 9.47
CA ARG A 320 -35.10 -14.37 9.94
CA ARG A 320 -35.11 -14.33 9.93
C ARG A 320 -35.19 -13.78 11.36
N THR A 321 -34.35 -14.30 12.24
CA THR A 321 -34.33 -13.86 13.64
C THR A 321 -34.11 -12.36 13.79
N LEU A 322 -33.13 -11.82 13.08
CA LEU A 322 -32.85 -10.40 13.16
C LEU A 322 -34.05 -9.58 12.69
N GLY A 323 -34.81 -10.13 11.75
CA GLY A 323 -36.08 -9.53 11.31
C GLY A 323 -37.06 -9.18 12.44
N GLU A 324 -36.99 -9.93 13.53
CA GLU A 324 -37.84 -9.72 14.70
C GLU A 324 -37.37 -8.63 15.64
N TYR A 325 -36.22 -8.03 15.34
CA TYR A 325 -35.67 -6.97 16.21
C TYR A 325 -35.66 -5.64 15.49
N ASP A 326 -35.46 -4.57 16.25
CA ASP A 326 -35.47 -3.23 15.71
C ASP A 326 -34.16 -2.98 14.95
N GLY A 327 -34.27 -2.77 13.64
CA GLY A 327 -33.10 -2.50 12.81
C GLY A 327 -33.19 -3.17 11.45
N GLN A 328 -32.15 -3.01 10.63
CA GLN A 328 -32.16 -3.44 9.23
CA GLN A 328 -32.16 -3.45 9.23
C GLN A 328 -31.02 -4.40 8.90
N VAL A 329 -31.37 -5.56 8.31
CA VAL A 329 -30.40 -6.55 7.89
C VAL A 329 -29.88 -6.23 6.49
N SER A 330 -28.59 -6.48 6.28
CA SER A 330 -28.03 -6.42 4.94
CA SER A 330 -27.99 -6.37 4.95
C SER A 330 -26.87 -7.39 4.80
N ASN A 331 -26.51 -7.70 3.55
CA ASN A 331 -25.34 -8.54 3.31
C ASN A 331 -24.10 -7.67 3.46
N CYS A 332 -22.94 -8.28 3.37
CA CYS A 332 -21.72 -7.56 3.54
C CYS A 332 -20.90 -7.75 2.27
N HIS A 333 -20.65 -6.65 1.57
CA HIS A 333 -19.87 -6.74 0.34
C HIS A 333 -18.71 -5.76 0.39
N PHE A 334 -17.50 -6.29 0.28
CA PHE A 334 -16.28 -5.50 0.41
C PHE A 334 -15.87 -4.83 -0.91
N THR A 335 -15.15 -3.74 -0.80
CA THR A 335 -14.62 -3.04 -1.97
C THR A 335 -13.11 -2.93 -1.88
N LYS A 336 -12.42 -3.06 -3.01
CA LYS A 336 -10.96 -2.96 -2.98
CA LYS A 336 -10.95 -2.98 -3.05
C LYS A 336 -10.42 -1.56 -3.25
N ASN A 337 -11.21 -0.67 -3.83
CA ASN A 337 -10.73 0.67 -4.20
C ASN A 337 -10.89 1.69 -3.09
N GLY A 338 -9.95 2.61 -3.04
CA GLY A 338 -10.01 3.74 -2.10
C GLY A 338 -10.78 4.87 -2.76
N THR A 339 -10.53 6.08 -2.29
CA THR A 339 -11.27 7.24 -2.76
C THR A 339 -10.97 7.52 -4.24
N GLN A 340 -11.99 7.93 -5.00
CA GLN A 340 -11.90 8.19 -6.44
CA GLN A 340 -11.80 8.27 -6.40
C GLN A 340 -12.66 9.46 -6.78
N ALA A 341 -12.27 10.13 -7.86
CA ALA A 341 -12.97 11.35 -8.30
C ALA A 341 -13.25 11.27 -9.79
N TRP A 342 -14.26 12.00 -10.28
CA TRP A 342 -14.54 12.04 -11.70
C TRP A 342 -15.14 13.39 -12.03
N ARG A 343 -15.14 13.74 -13.32
CA ARG A 343 -15.65 15.06 -13.78
C ARG A 343 -16.94 14.88 -14.54
N ILE A 344 -17.82 15.87 -14.43
CA ILE A 344 -19.13 15.87 -15.11
C ILE A 344 -19.12 17.06 -16.09
N ALA A 345 -18.62 18.21 -15.62
CA ALA A 345 -18.36 19.37 -16.50
C ALA A 345 -16.91 19.88 -16.36
N ASN A 346 -16.28 20.19 -17.49
CA ASN A 346 -14.91 20.73 -17.54
C ASN A 346 -13.83 19.96 -16.76
N ASN B 2 1.09 -38.06 -0.61
CA ASN B 2 1.31 -37.51 -1.99
C ASN B 2 2.07 -36.17 -2.00
N PRO B 3 3.04 -36.03 -2.93
CA PRO B 3 3.86 -34.83 -3.07
C PRO B 3 3.08 -33.56 -3.35
N THR B 4 3.59 -32.43 -2.88
CA THR B 4 2.99 -31.13 -3.13
C THR B 4 3.84 -30.43 -4.17
N ILE B 5 3.19 -29.71 -5.09
CA ILE B 5 3.89 -28.83 -6.03
C ILE B 5 3.34 -27.40 -5.89
N ILE B 6 4.25 -26.45 -5.59
CA ILE B 6 3.93 -25.02 -5.43
CA ILE B 6 3.87 -25.05 -5.51
C ILE B 6 4.72 -24.24 -6.47
N ARG B 7 4.10 -23.24 -7.09
CA ARG B 7 4.84 -22.31 -7.93
C ARG B 7 4.53 -20.92 -7.40
N ALA B 8 5.49 -20.01 -7.53
CA ALA B 8 5.26 -18.63 -7.19
C ALA B 8 5.93 -17.79 -8.26
N ARG B 9 5.42 -16.58 -8.47
CA ARG B 9 6.08 -15.69 -9.39
C ARG B 9 6.09 -14.29 -8.79
N ALA B 10 7.04 -13.46 -9.21
CA ALA B 10 7.11 -12.07 -8.76
C ALA B 10 7.58 -11.22 -9.91
N PRO B 11 6.94 -10.06 -10.11
CA PRO B 11 7.30 -9.22 -11.26
C PRO B 11 8.66 -8.52 -11.12
N LEU B 12 9.41 -8.47 -12.23
CA LEU B 12 10.62 -7.67 -12.32
C LEU B 12 10.26 -6.18 -12.40
N ARG B 13 11.24 -5.30 -12.28
CA ARG B 13 10.94 -3.88 -12.16
C ARG B 13 11.83 -2.98 -13.01
N LEU B 14 11.20 -1.90 -13.46
CA LEU B 14 11.89 -0.81 -14.11
CA LEU B 14 11.93 -0.82 -14.09
C LEU B 14 12.19 0.21 -13.02
N GLY B 15 13.46 0.63 -12.91
CA GLY B 15 13.82 1.70 -11.98
C GLY B 15 13.58 2.97 -12.74
N LEU B 16 12.56 3.73 -12.33
CA LEU B 16 12.22 4.96 -13.07
C LEU B 16 13.07 6.14 -12.62
N ALA B 17 13.33 6.22 -11.31
CA ALA B 17 14.10 7.33 -10.76
C ALA B 17 14.55 7.03 -9.33
N GLY B 18 15.65 7.65 -8.91
CA GLY B 18 16.10 7.57 -7.53
C GLY B 18 17.01 6.40 -7.16
N GLY B 19 17.13 5.42 -8.07
CA GLY B 19 17.94 4.21 -7.82
C GLY B 19 19.35 4.55 -7.39
N GLY B 20 19.83 3.91 -6.33
CA GLY B 20 21.13 4.21 -5.77
C GLY B 20 21.03 4.97 -4.45
N THR B 21 19.99 5.80 -4.32
CA THR B 21 19.78 6.54 -3.06
C THR B 21 19.23 5.60 -2.00
N ASP B 22 18.83 4.40 -2.40
CA ASP B 22 18.28 3.41 -1.47
C ASP B 22 19.35 2.52 -0.86
N VAL B 23 20.62 2.77 -1.21
CA VAL B 23 21.72 1.97 -0.71
C VAL B 23 22.31 2.59 0.56
N ALA B 24 22.72 1.70 1.47
CA ALA B 24 23.01 1.96 2.88
C ALA B 24 23.59 3.32 3.27
N PRO B 25 24.83 3.64 2.86
CA PRO B 25 25.37 4.90 3.37
C PRO B 25 24.46 6.08 3.04
N TYR B 26 24.03 6.22 1.79
CA TYR B 26 23.21 7.37 1.42
C TYR B 26 21.86 7.37 2.12
N ALA B 27 21.14 6.24 2.03
CA ALA B 27 19.80 6.13 2.60
C ALA B 27 19.81 6.40 4.11
N ASP B 28 20.81 5.85 4.81
CA ASP B 28 20.92 6.04 6.26
C ASP B 28 21.25 7.48 6.66
N THR B 29 21.98 8.19 5.81
CA THR B 29 22.51 9.52 6.13
C THR B 29 21.55 10.65 5.71
N PHE B 30 21.05 10.57 4.49
CA PHE B 30 20.23 11.63 3.89
C PHE B 30 18.79 11.20 3.64
N GLY B 31 18.54 9.89 3.59
CA GLY B 31 17.23 9.40 3.23
C GLY B 31 17.12 9.25 1.72
N GLY B 32 16.59 8.12 1.27
CA GLY B 32 16.50 7.85 -0.16
C GLY B 32 15.08 7.94 -0.70
N TYR B 33 14.97 8.23 -1.99
CA TYR B 33 13.69 8.13 -2.69
C TYR B 33 13.90 7.26 -3.90
N VAL B 34 13.00 6.32 -4.13
CA VAL B 34 13.00 5.59 -5.40
C VAL B 34 11.60 5.54 -5.95
N LEU B 35 11.49 5.80 -7.25
CA LEU B 35 10.25 5.58 -7.99
C LEU B 35 10.47 4.40 -8.92
N ASN B 36 9.66 3.36 -8.78
CA ASN B 36 9.78 2.23 -9.70
C ASN B 36 8.44 1.62 -10.05
N ALA B 37 8.45 0.75 -11.04
CA ALA B 37 7.23 0.11 -11.52
C ALA B 37 7.50 -1.29 -12.00
N THR B 38 6.62 -2.23 -11.66
CA THR B 38 6.81 -3.61 -12.06
C THR B 38 6.27 -3.80 -13.48
N ILE B 39 6.94 -4.69 -14.22
CA ILE B 39 6.60 -4.97 -15.63
C ILE B 39 6.16 -6.41 -15.81
N ASP B 40 5.79 -6.77 -17.04
CA ASP B 40 5.24 -8.08 -17.34
C ASP B 40 6.31 -9.15 -17.60
N ARG B 41 7.41 -9.11 -16.84
CA ARG B 41 8.41 -10.17 -16.87
CA ARG B 41 8.48 -10.12 -16.89
C ARG B 41 8.68 -10.62 -15.47
N TYR B 42 8.89 -11.92 -15.30
CA TYR B 42 8.81 -12.53 -13.97
C TYR B 42 10.01 -13.38 -13.55
N ALA B 43 10.29 -13.39 -12.24
CA ALA B 43 11.07 -14.45 -11.62
C ALA B 43 10.10 -15.48 -11.05
N TYR B 44 10.52 -16.75 -11.05
CA TYR B 44 9.67 -17.84 -10.62
C TYR B 44 10.41 -18.73 -9.63
N ALA B 45 9.67 -19.28 -8.68
CA ALA B 45 10.19 -20.36 -7.85
C ALA B 45 9.20 -21.49 -7.82
N VAL B 46 9.71 -22.73 -7.71
CA VAL B 46 8.89 -23.92 -7.63
C VAL B 46 9.39 -24.75 -6.46
N ILE B 47 8.46 -25.19 -5.61
CA ILE B 47 8.75 -26.15 -4.56
C ILE B 47 8.05 -27.46 -4.86
N LYS B 48 8.83 -28.56 -4.89
CA LYS B 48 8.26 -29.90 -5.00
C LYS B 48 8.70 -30.70 -3.79
N THR B 49 7.74 -31.23 -3.01
CA THR B 49 8.14 -32.05 -1.85
C THR B 49 8.66 -33.36 -2.42
N LEU B 50 9.58 -34.01 -1.72
CA LEU B 50 10.18 -35.23 -2.23
C LEU B 50 9.85 -36.44 -1.35
N THR B 51 9.95 -37.64 -1.94
CA THR B 51 9.63 -38.87 -1.22
C THR B 51 10.91 -39.59 -0.78
N ILE B 52 12.04 -39.12 -1.29
CA ILE B 52 13.35 -39.52 -0.79
C ILE B 52 13.82 -38.51 0.26
N PRO B 53 14.63 -38.95 1.24
CA PRO B 53 15.10 -38.00 2.23
C PRO B 53 16.27 -37.15 1.70
N ALA B 54 15.94 -36.20 0.82
CA ALA B 54 16.95 -35.30 0.26
C ALA B 54 16.41 -33.88 0.08
N VAL B 55 17.33 -32.94 -0.04
CA VAL B 55 16.99 -31.58 -0.48
CA VAL B 55 17.02 -31.56 -0.46
C VAL B 55 17.79 -31.24 -1.73
N ARG B 56 17.10 -30.70 -2.73
CA ARG B 56 17.71 -30.38 -4.01
CA ARG B 56 17.72 -30.37 -4.02
C ARG B 56 17.44 -28.92 -4.37
N PHE B 57 18.45 -28.22 -4.87
CA PHE B 57 18.31 -26.81 -5.26
C PHE B 57 18.70 -26.65 -6.72
N VAL B 58 17.89 -25.93 -7.51
CA VAL B 58 18.17 -25.73 -8.92
C VAL B 58 18.04 -24.24 -9.23
N SER B 59 19.07 -23.66 -9.86
CA SER B 59 19.07 -22.22 -10.12
C SER B 59 18.68 -21.91 -11.56
N THR B 60 18.37 -20.63 -11.80
CA THR B 60 18.00 -20.11 -13.13
C THR B 60 18.96 -20.49 -14.25
N ASP B 61 20.27 -20.45 -13.97
CA ASP B 61 21.28 -20.93 -14.93
C ASP B 61 21.62 -22.42 -14.69
N GLN B 62 20.66 -23.13 -14.12
CA GLN B 62 20.67 -24.61 -14.03
C GLN B 62 21.87 -25.21 -13.29
N GLN B 63 22.44 -24.47 -12.35
CA GLN B 63 23.28 -25.12 -11.33
C GLN B 63 22.39 -25.92 -10.40
N VAL B 64 22.93 -27.01 -9.86
CA VAL B 64 22.14 -27.94 -9.08
C VAL B 64 22.97 -28.48 -7.94
N GLU B 65 22.39 -28.50 -6.75
CA GLU B 65 23.03 -29.07 -5.59
C GLU B 65 22.05 -29.99 -4.93
N LYS B 66 22.56 -31.11 -4.40
CA LYS B 66 21.72 -32.06 -3.70
CA LYS B 66 21.72 -32.07 -3.71
C LYS B 66 22.38 -32.41 -2.38
N HIS B 67 21.58 -32.47 -1.31
CA HIS B 67 22.07 -32.81 0.03
C HIS B 67 21.19 -33.86 0.66
N GLN B 68 21.73 -34.58 1.63
CA GLN B 68 20.94 -35.50 2.46
CA GLN B 68 20.95 -35.49 2.47
C GLN B 68 20.22 -34.69 3.55
N LEU B 69 19.18 -35.27 4.14
CA LEU B 69 18.42 -34.61 5.22
C LEU B 69 19.19 -34.59 6.54
N ILE B 70 19.87 -33.49 6.82
CA ILE B 70 20.62 -33.33 8.06
C ILE B 70 20.02 -32.24 8.95
N SER B 71 20.08 -32.44 10.26
CA SER B 71 19.42 -31.53 11.20
C SER B 71 20.30 -30.34 11.59
N GLU B 72 21.21 -29.94 10.69
CA GLU B 72 21.98 -28.70 10.84
C GLU B 72 21.62 -27.75 9.70
N PRO B 73 21.78 -26.42 9.90
CA PRO B 73 21.63 -25.51 8.77
C PRO B 73 22.61 -25.88 7.65
N LEU B 74 22.19 -25.68 6.40
CA LEU B 74 23.06 -25.95 5.26
C LEU B 74 24.12 -24.89 5.19
N GLU B 75 25.33 -25.27 4.77
CA GLU B 75 26.44 -24.33 4.73
C GLU B 75 26.31 -23.41 3.52
N LEU B 76 26.61 -22.14 3.71
CA LEU B 76 26.62 -21.23 2.59
C LEU B 76 28.02 -21.21 1.97
N ASN B 77 28.25 -22.13 1.03
CA ASN B 77 29.62 -22.39 0.54
C ASN B 77 29.98 -21.67 -0.76
N GLY B 78 29.06 -20.83 -1.24
CA GLY B 78 29.27 -20.10 -2.47
C GLY B 78 28.48 -20.66 -3.64
N THR B 79 27.84 -21.80 -3.44
CA THR B 79 27.00 -22.38 -4.51
C THR B 79 25.57 -22.39 -4.03
N LEU B 80 24.70 -21.67 -4.75
CA LEU B 80 23.28 -21.60 -4.45
C LEU B 80 23.01 -21.09 -3.02
N ASN B 81 23.81 -20.11 -2.60
CA ASN B 81 23.69 -19.55 -1.24
C ASN B 81 22.29 -19.02 -0.97
N LEU B 82 21.70 -18.29 -1.92
CA LEU B 82 20.39 -17.67 -1.67
C LEU B 82 19.31 -18.74 -1.45
N HIS B 83 19.34 -19.81 -2.28
CA HIS B 83 18.41 -20.93 -2.13
C HIS B 83 18.56 -21.56 -0.74
N LYS B 84 19.82 -21.82 -0.36
CA LYS B 84 20.10 -22.48 0.93
C LYS B 84 19.72 -21.59 2.11
N ALA B 85 19.93 -20.28 1.96
CA ALA B 85 19.62 -19.34 3.02
C ALA B 85 18.11 -19.19 3.25
N VAL B 86 17.34 -19.19 2.16
CA VAL B 86 15.89 -19.15 2.33
C VAL B 86 15.43 -20.43 3.00
N TYR B 87 15.92 -21.57 2.53
CA TYR B 87 15.58 -22.86 3.10
C TYR B 87 15.96 -22.87 4.59
N ASN B 88 17.19 -22.48 4.91
CA ASN B 88 17.65 -22.47 6.30
C ASN B 88 16.71 -21.66 7.22
N HIS B 89 16.38 -20.44 6.81
CA HIS B 89 15.50 -19.59 7.59
C HIS B 89 14.12 -20.20 7.83
N MET B 90 13.51 -20.76 6.79
CA MET B 90 12.19 -21.35 6.93
C MET B 90 12.17 -22.60 7.82
N ILE B 91 13.18 -23.44 7.69
CA ILE B 91 13.27 -24.66 8.53
C ILE B 91 13.50 -24.28 10.01
N ARG B 92 14.42 -23.34 10.26
CA ARG B 92 14.72 -22.86 11.60
CA ARG B 92 14.71 -22.89 11.62
C ARG B 92 13.51 -22.17 12.24
N ASN B 93 12.93 -21.20 11.53
CA ASN B 93 11.85 -20.39 12.11
C ASN B 93 10.44 -20.95 12.05
N TYR B 94 10.15 -21.83 11.10
CA TYR B 94 8.78 -22.33 10.96
C TYR B 94 8.62 -23.85 11.01
N ASN B 95 9.72 -24.56 11.14
CA ASN B 95 9.63 -26.01 11.24
C ASN B 95 10.49 -26.60 12.37
N HIS B 96 10.80 -25.75 13.35
CA HIS B 96 11.52 -26.16 14.57
C HIS B 96 12.85 -26.87 14.30
N GLY B 97 13.50 -26.52 13.20
CA GLY B 97 14.80 -27.09 12.86
C GLY B 97 14.72 -28.44 12.19
N LYS B 98 13.50 -28.92 11.92
CA LYS B 98 13.35 -30.21 11.29
C LYS B 98 13.41 -30.05 9.76
N PRO B 99 14.38 -30.73 9.10
CA PRO B 99 14.50 -30.59 7.65
C PRO B 99 13.27 -31.07 6.92
N ILE B 100 12.98 -30.44 5.79
CA ILE B 100 11.91 -30.86 4.90
C ILE B 100 12.55 -31.36 3.60
N ALA B 101 12.14 -32.55 3.18
CA ALA B 101 12.53 -33.11 1.88
C ALA B 101 11.82 -32.39 0.72
N LEU B 102 12.58 -31.60 -0.04
CA LEU B 102 11.97 -30.82 -1.13
C LEU B 102 12.99 -30.46 -2.18
N GLU B 103 12.51 -30.11 -3.37
CA GLU B 103 13.33 -29.51 -4.40
C GLU B 103 12.87 -28.05 -4.56
N LEU B 104 13.79 -27.10 -4.38
CA LEU B 104 13.54 -25.68 -4.61
C LEU B 104 14.26 -25.24 -5.89
N SER B 105 13.48 -24.86 -6.91
CA SER B 105 14.03 -24.42 -8.19
CA SER B 105 14.02 -24.43 -8.21
C SER B 105 13.58 -23.00 -8.53
N THR B 106 14.38 -22.31 -9.32
CA THR B 106 14.05 -20.94 -9.76
C THR B 106 14.31 -20.83 -11.25
N PHE B 107 13.56 -19.93 -11.88
CA PHE B 107 13.89 -19.51 -13.23
C PHE B 107 13.44 -18.07 -13.40
N CYS B 108 13.85 -17.44 -14.50
CA CYS B 108 13.57 -16.02 -14.64
C CYS B 108 13.46 -15.59 -16.09
N ASP B 109 12.56 -14.63 -16.33
CA ASP B 109 12.31 -14.07 -17.66
C ASP B 109 13.41 -13.14 -18.15
N ALA B 110 14.37 -12.82 -17.30
CA ALA B 110 15.51 -12.00 -17.73
C ALA B 110 16.75 -12.58 -17.09
N PRO B 111 17.89 -12.53 -17.79
CA PRO B 111 19.10 -13.06 -17.20
C PRO B 111 19.67 -12.12 -16.17
N ALA B 112 20.66 -12.59 -15.40
CA ALA B 112 21.37 -11.76 -14.43
C ALA B 112 22.04 -10.57 -15.12
N GLY B 113 22.14 -9.45 -14.41
CA GLY B 113 22.69 -8.21 -14.99
C GLY B 113 21.80 -7.43 -15.96
N SER B 114 20.50 -7.69 -15.93
CA SER B 114 19.57 -7.01 -16.87
C SER B 114 19.10 -5.61 -16.44
N GLY B 115 19.43 -5.19 -15.22
CA GLY B 115 18.91 -3.92 -14.68
C GLY B 115 17.45 -3.94 -14.28
N LEU B 116 16.88 -5.14 -14.12
CA LEU B 116 15.45 -5.33 -13.80
C LEU B 116 15.21 -5.85 -12.38
N GLY B 117 16.24 -5.80 -11.55
CA GLY B 117 16.13 -6.23 -10.15
C GLY B 117 15.93 -7.71 -9.90
N SER B 118 16.38 -8.54 -10.84
CA SER B 118 16.12 -10.00 -10.73
C SER B 118 16.77 -10.67 -9.52
N SER B 119 17.94 -10.25 -9.10
CA SER B 119 18.58 -10.91 -7.94
C SER B 119 17.67 -10.94 -6.71
N SER B 120 17.17 -9.78 -6.32
CA SER B 120 16.29 -9.67 -5.15
C SER B 120 14.88 -10.20 -5.44
N THR B 121 14.42 -10.06 -6.67
CA THR B 121 13.08 -10.57 -7.03
C THR B 121 13.06 -12.10 -6.91
N LEU B 122 14.17 -12.73 -7.30
CA LEU B 122 14.37 -14.18 -7.05
C LEU B 122 14.28 -14.57 -5.58
N VAL B 123 14.86 -13.77 -4.66
CA VAL B 123 14.77 -14.10 -3.23
C VAL B 123 13.31 -14.00 -2.75
N VAL B 124 12.62 -12.92 -3.15
CA VAL B 124 11.20 -12.71 -2.82
C VAL B 124 10.35 -13.90 -3.26
N VAL B 125 10.57 -14.35 -4.49
CA VAL B 125 9.71 -15.38 -5.02
C VAL B 125 9.96 -16.73 -4.33
N MET B 126 11.21 -16.96 -3.90
CA MET B 126 11.51 -18.18 -3.11
C MET B 126 10.80 -18.14 -1.77
N ILE B 127 10.81 -16.97 -1.13
CA ILE B 127 10.11 -16.78 0.13
C ILE B 127 8.61 -17.01 -0.05
N LYS B 128 8.05 -16.41 -1.10
CA LYS B 128 6.62 -16.55 -1.37
C LYS B 128 6.19 -18.03 -1.54
N ALA B 129 7.03 -18.82 -2.25
CA ALA B 129 6.72 -20.25 -2.41
C ALA B 129 6.63 -20.95 -1.04
N PHE B 130 7.54 -20.59 -0.13
CA PHE B 130 7.51 -21.13 1.24
C PHE B 130 6.35 -20.60 2.07
N VAL B 131 5.99 -19.34 1.85
CA VAL B 131 4.77 -18.78 2.43
C VAL B 131 3.55 -19.60 2.08
N GLU B 132 3.43 -19.98 0.81
CA GLU B 132 2.35 -20.83 0.33
C GLU B 132 2.48 -22.26 0.88
N LEU B 133 3.68 -22.84 0.82
CA LEU B 133 3.90 -24.20 1.33
C LEU B 133 3.51 -24.36 2.80
N LEU B 134 4.01 -23.45 3.63
CA LEU B 134 3.86 -23.53 5.07
C LEU B 134 2.67 -22.71 5.60
N ASN B 135 1.90 -22.08 4.71
CA ASN B 135 0.74 -21.23 5.10
C ASN B 135 1.13 -20.19 6.17
N LEU B 136 2.08 -19.33 5.83
CA LEU B 136 2.65 -18.38 6.79
C LEU B 136 1.88 -17.07 6.71
N PRO B 137 1.66 -16.39 7.85
CA PRO B 137 0.95 -15.10 7.79
C PRO B 137 1.89 -13.89 7.61
N LEU B 138 2.89 -13.99 6.75
CA LEU B 138 3.81 -12.88 6.57
C LEU B 138 3.16 -11.84 5.68
N ASP B 139 3.06 -10.60 6.15
CA ASP B 139 2.53 -9.54 5.28
C ASP B 139 3.61 -9.02 4.32
N ASP B 140 3.22 -8.13 3.43
CA ASP B 140 4.14 -7.63 2.39
C ASP B 140 5.39 -6.94 2.93
N TYR B 141 5.22 -6.09 3.92
CA TYR B 141 6.40 -5.49 4.57
C TYR B 141 7.33 -6.57 5.13
N ALA B 142 6.77 -7.60 5.79
CA ALA B 142 7.58 -8.66 6.39
C ALA B 142 8.30 -9.49 5.33
N ILE B 143 7.64 -9.79 4.21
CA ILE B 143 8.28 -10.52 3.13
C ILE B 143 9.42 -9.69 2.55
N ALA B 144 9.19 -8.40 2.29
CA ALA B 144 10.26 -7.55 1.72
C ALA B 144 11.45 -7.41 2.66
N GLN B 145 11.20 -7.24 3.95
N GLN B 145 11.18 -7.26 3.95
CA GLN B 145 12.29 -7.15 4.94
CA GLN B 145 12.21 -7.14 4.98
C GLN B 145 13.05 -8.46 5.05
C GLN B 145 13.01 -8.45 5.18
N LEU B 146 12.33 -9.59 5.03
CA LEU B 146 12.97 -10.90 5.15
C LEU B 146 13.92 -11.12 3.97
N ALA B 147 13.42 -10.83 2.76
CA ALA B 147 14.24 -10.93 1.56
C ALA B 147 15.50 -10.09 1.70
N TYR B 148 15.34 -8.88 2.24
CA TYR B 148 16.49 -8.01 2.44
C TYR B 148 17.52 -8.69 3.37
N ARG B 149 17.05 -9.16 4.52
CA ARG B 149 17.98 -9.75 5.48
CA ARG B 149 17.91 -9.81 5.51
C ARG B 149 18.63 -11.03 4.93
N ILE B 150 17.86 -11.88 4.24
CA ILE B 150 18.41 -13.10 3.67
C ILE B 150 19.54 -12.80 2.69
N GLU B 151 19.32 -11.84 1.80
CA GLU B 151 20.28 -11.53 0.76
C GLU B 151 21.44 -10.70 1.30
N ARG B 152 21.13 -9.70 2.10
CA ARG B 152 22.15 -8.68 2.46
C ARG B 152 22.91 -9.02 3.73
N VAL B 153 22.26 -9.72 4.66
CA VAL B 153 22.87 -10.05 5.93
C VAL B 153 23.34 -11.50 5.92
N ASP B 154 22.40 -12.45 5.84
CA ASP B 154 22.75 -13.88 5.81
C ASP B 154 23.75 -14.21 4.71
N CYS B 155 23.49 -13.71 3.48
CA CYS B 155 24.37 -14.01 2.33
C CYS B 155 25.38 -12.91 2.03
N GLY B 156 25.33 -11.83 2.80
CA GLY B 156 26.31 -10.76 2.71
C GLY B 156 26.45 -10.09 1.36
N LEU B 157 25.37 -10.08 0.56
CA LEU B 157 25.44 -9.45 -0.75
C LEU B 157 24.98 -7.99 -0.69
N ALA B 158 25.87 -7.07 -1.09
CA ALA B 158 25.61 -5.63 -0.93
C ALA B 158 24.54 -5.13 -1.90
N GLY B 159 23.71 -4.20 -1.45
CA GLY B 159 22.78 -3.54 -2.36
C GLY B 159 21.78 -2.70 -1.62
N GLY B 160 20.72 -2.29 -2.30
CA GLY B 160 19.68 -1.47 -1.66
C GLY B 160 18.44 -2.24 -1.26
N ARG B 161 17.32 -1.53 -1.20
CA ARG B 161 16.07 -2.05 -0.68
C ARG B 161 14.90 -2.02 -1.68
N GLN B 162 15.08 -1.33 -2.81
CA GLN B 162 13.93 -1.04 -3.68
C GLN B 162 13.38 -2.30 -4.36
N ASP B 163 14.25 -3.26 -4.69
CA ASP B 163 13.83 -4.42 -5.48
C ASP B 163 12.96 -5.36 -4.65
N GLN B 164 13.26 -5.46 -3.36
CA GLN B 164 12.49 -6.34 -2.47
C GLN B 164 11.03 -5.88 -2.41
N TYR B 165 10.85 -4.57 -2.42
CA TYR B 165 9.54 -3.97 -2.26
C TYR B 165 8.73 -4.01 -3.55
N SER B 166 9.37 -3.77 -4.70
CA SER B 166 8.67 -3.85 -5.97
C SER B 166 8.20 -5.28 -6.22
N ALA B 167 9.06 -6.26 -5.92
CA ALA B 167 8.76 -7.66 -6.18
C ALA B 167 7.57 -8.13 -5.35
N THR B 168 7.54 -7.66 -4.11
CA THR B 168 6.52 -8.06 -3.16
C THR B 168 5.19 -7.29 -3.39
N PHE B 169 5.27 -5.97 -3.47
CA PHE B 169 4.06 -5.09 -3.58
C PHE B 169 3.46 -5.06 -4.98
N GLY B 170 4.34 -4.95 -5.99
CA GLY B 170 3.92 -4.71 -7.36
C GLY B 170 3.37 -3.31 -7.61
N GLY B 171 3.14 -3.01 -8.88
CA GLY B 171 2.57 -1.72 -9.30
C GLY B 171 3.59 -0.60 -9.41
N PHE B 172 3.10 0.65 -9.45
CA PHE B 172 3.94 1.85 -9.44
C PHE B 172 4.07 2.27 -7.99
N ASN B 173 5.28 2.34 -7.49
CA ASN B 173 5.49 2.73 -6.11
C ASN B 173 6.54 3.81 -5.97
N PHE B 174 6.32 4.74 -5.03
CA PHE B 174 7.33 5.71 -4.60
C PHE B 174 7.75 5.29 -3.21
N MET B 175 9.02 4.98 -3.04
CA MET B 175 9.51 4.47 -1.78
CA MET B 175 9.56 4.45 -1.78
C MET B 175 10.45 5.46 -1.10
N GLU B 176 10.32 5.53 0.22
CA GLU B 176 11.15 6.39 1.06
C GLU B 176 11.96 5.49 1.98
N PHE B 177 13.27 5.69 1.94
CA PHE B 177 14.20 4.84 2.68
C PHE B 177 14.91 5.67 3.72
N TYR B 178 14.81 5.24 4.97
CA TYR B 178 15.42 5.93 6.10
C TYR B 178 16.34 4.96 6.85
N ALA B 179 17.03 5.48 7.86
CA ALA B 179 17.97 4.71 8.67
C ALA B 179 17.23 3.62 9.43
N ALA B 180 17.98 2.68 10.00
CA ALA B 180 17.41 1.59 10.80
C ALA B 180 16.37 0.79 10.01
N ALA B 181 16.61 0.61 8.71
CA ALA B 181 15.78 -0.27 7.87
C ALA B 181 14.31 0.15 7.80
N ARG B 182 14.04 1.43 7.98
CA ARG B 182 12.67 1.92 7.88
C ARG B 182 12.37 2.35 6.43
N THR B 183 11.36 1.69 5.83
CA THR B 183 10.95 1.96 4.46
C THR B 183 9.45 2.29 4.46
N ILE B 184 9.07 3.34 3.74
CA ILE B 184 7.65 3.63 3.50
C ILE B 184 7.34 3.40 2.01
N VAL B 185 6.41 2.49 1.73
CA VAL B 185 5.95 2.26 0.37
C VAL B 185 4.70 3.11 0.11
N ASN B 186 4.78 3.97 -0.90
CA ASN B 186 3.65 4.78 -1.37
C ASN B 186 3.15 4.29 -2.71
N PRO B 187 2.10 3.46 -2.72
CA PRO B 187 1.51 3.03 -4.00
C PRO B 187 0.96 4.21 -4.73
N LEU B 188 1.28 4.32 -6.01
CA LEU B 188 0.80 5.44 -6.79
C LEU B 188 -0.41 4.99 -7.56
N ARG B 189 -1.53 5.63 -7.29
CA ARG B 189 -2.77 5.29 -7.96
CA ARG B 189 -2.75 5.26 -7.99
C ARG B 189 -2.89 6.20 -9.18
N ILE B 190 -2.22 5.77 -10.25
CA ILE B 190 -2.09 6.57 -11.44
CA ILE B 190 -2.06 6.51 -11.48
C ILE B 190 -3.35 6.41 -12.31
N LYS B 191 -3.81 7.53 -12.85
CA LYS B 191 -5.02 7.54 -13.68
C LYS B 191 -4.82 6.66 -14.91
N ASN B 192 -5.89 6.00 -15.34
CA ASN B 192 -5.83 5.12 -16.48
C ASN B 192 -5.26 5.76 -17.76
N TRP B 193 -5.68 6.99 -18.08
CA TRP B 193 -5.13 7.65 -19.27
C TRP B 193 -3.62 7.88 -19.15
N VAL B 194 -3.15 8.13 -17.93
CA VAL B 194 -1.71 8.38 -17.70
C VAL B 194 -0.88 7.11 -17.95
N LEU B 195 -1.35 5.99 -17.39
CA LEU B 195 -0.71 4.69 -17.63
CA LEU B 195 -0.73 4.68 -17.64
C LEU B 195 -0.68 4.30 -19.13
N CYS B 196 -1.82 4.45 -19.81
CA CYS B 196 -1.86 4.16 -21.23
C CYS B 196 -0.92 5.09 -22.00
N GLU B 197 -0.97 6.39 -21.71
CA GLU B 197 -0.09 7.37 -22.38
C GLU B 197 1.39 7.06 -22.13
N LEU B 198 1.72 6.71 -20.89
CA LEU B 198 3.07 6.29 -20.55
C LEU B 198 3.49 5.03 -21.31
N GLU B 199 2.68 3.98 -21.33
CA GLU B 199 3.02 2.77 -22.11
C GLU B 199 3.14 3.06 -23.61
N ALA B 200 2.30 3.97 -24.11
CA ALA B 200 2.38 4.35 -25.52
C ALA B 200 3.64 5.15 -25.87
N SER B 201 4.33 5.69 -24.86
CA SER B 201 5.51 6.54 -25.06
C SER B 201 6.84 5.90 -24.62
N LEU B 202 6.79 4.71 -24.02
CA LEU B 202 8.01 4.06 -23.59
C LEU B 202 8.48 2.96 -24.56
N VAL B 203 9.79 2.93 -24.81
CA VAL B 203 10.42 1.84 -25.57
C VAL B 203 11.55 1.26 -24.71
N LEU B 204 11.59 -0.07 -24.59
CA LEU B 204 12.66 -0.75 -23.87
C LEU B 204 13.72 -1.27 -24.83
N PHE B 205 14.97 -1.22 -24.40
CA PHE B 205 16.08 -1.70 -25.22
C PHE B 205 17.09 -2.48 -24.37
N TYR B 206 17.18 -3.78 -24.60
CA TYR B 206 18.12 -4.60 -23.85
C TYR B 206 19.45 -4.54 -24.56
N THR B 207 20.48 -4.02 -23.88
CA THR B 207 21.80 -3.76 -24.46
C THR B 207 22.79 -4.91 -24.22
N GLY B 208 22.43 -5.83 -23.35
CA GLY B 208 23.33 -6.91 -22.94
C GLY B 208 23.50 -6.91 -21.44
N VAL B 209 24.22 -7.91 -20.95
CA VAL B 209 24.50 -8.10 -19.51
C VAL B 209 25.36 -6.96 -18.94
N SER B 210 24.95 -6.40 -17.79
CA SER B 210 25.82 -5.46 -17.10
C SER B 210 26.62 -6.22 -16.06
N ARG B 211 27.87 -5.83 -15.90
N ARG B 211 27.89 -5.87 -15.95
CA ARG B 211 28.71 -6.40 -14.84
CA ARG B 211 28.76 -6.37 -14.90
C ARG B 211 29.25 -5.29 -13.97
C ARG B 211 29.38 -5.21 -14.14
N GLU B 212 28.62 -4.12 -14.06
CA GLU B 212 29.03 -2.94 -13.31
C GLU B 212 28.28 -2.70 -12.00
N SER B 213 27.23 -3.47 -11.73
CA SER B 213 26.35 -3.22 -10.59
CA SER B 213 26.36 -3.18 -10.60
C SER B 213 27.10 -3.11 -9.26
N ALA B 214 27.91 -4.13 -8.96
CA ALA B 214 28.67 -4.15 -7.71
C ALA B 214 29.58 -2.92 -7.61
N LYS B 215 30.24 -2.58 -8.72
CA LYS B 215 31.19 -1.46 -8.80
C LYS B 215 30.53 -0.11 -8.57
N ILE B 216 29.43 0.14 -9.29
CA ILE B 216 28.69 1.40 -9.17
C ILE B 216 28.21 1.64 -7.74
N ILE B 217 27.68 0.58 -7.13
CA ILE B 217 27.14 0.61 -5.78
C ILE B 217 28.29 0.88 -4.79
N GLN B 218 29.43 0.21 -4.99
CA GLN B 218 30.63 0.46 -4.19
CA GLN B 218 30.57 0.48 -4.12
C GLN B 218 31.09 1.90 -4.29
N ASP B 219 31.15 2.40 -5.53
CA ASP B 219 31.55 3.78 -5.80
C ASP B 219 30.63 4.81 -5.16
N GLN B 220 29.33 4.61 -5.29
CA GLN B 220 28.35 5.52 -4.68
C GLN B 220 28.44 5.52 -3.15
N SER B 221 28.67 4.35 -2.57
CA SER B 221 28.80 4.25 -1.13
CA SER B 221 28.84 4.21 -1.13
C SER B 221 30.06 4.99 -0.65
N ASP B 222 31.14 4.86 -1.41
CA ASP B 222 32.39 5.58 -1.14
C ASP B 222 32.25 7.11 -1.28
N ASN B 223 31.45 7.57 -2.24
CA ASN B 223 31.12 9.01 -2.38
C ASN B 223 30.75 9.60 -1.03
N VAL B 224 29.86 8.89 -0.34
CA VAL B 224 29.29 9.35 0.93
C VAL B 224 30.33 9.24 2.04
N VAL B 225 30.97 8.08 2.15
CA VAL B 225 31.93 7.79 3.22
C VAL B 225 33.16 8.71 3.14
N SER B 226 33.75 8.85 1.95
CA SER B 226 34.93 9.68 1.77
CA SER B 226 34.93 9.68 1.75
C SER B 226 34.59 11.15 1.45
N HIS B 227 33.33 11.52 1.66
CA HIS B 227 32.88 12.91 1.48
C HIS B 227 33.28 13.51 0.12
N LYS B 228 32.98 12.80 -0.96
CA LYS B 228 33.19 13.32 -2.31
C LYS B 228 32.06 14.28 -2.72
N THR B 229 32.29 15.57 -2.44
CA THR B 229 31.25 16.60 -2.53
C THR B 229 30.40 16.59 -3.82
N ALA B 230 31.06 16.63 -4.97
CA ALA B 230 30.34 16.71 -6.24
C ALA B 230 29.54 15.44 -6.56
N ALA B 231 30.14 14.28 -6.28
CA ALA B 231 29.47 13.01 -6.50
C ALA B 231 28.29 12.84 -5.53
N ILE B 232 28.43 13.37 -4.31
CA ILE B 232 27.33 13.38 -3.34
C ILE B 232 26.19 14.27 -3.83
N GLU B 233 26.53 15.44 -4.39
CA GLU B 233 25.53 16.36 -4.92
C GLU B 233 24.77 15.75 -6.12
N ALA B 234 25.46 14.94 -6.92
CA ALA B 234 24.82 14.23 -8.03
C ALA B 234 23.75 13.29 -7.48
N MET B 235 24.08 12.62 -6.37
CA MET B 235 23.15 11.71 -5.73
C MET B 235 21.95 12.45 -5.12
N HIS B 236 22.19 13.65 -4.55
CA HIS B 236 21.10 14.52 -4.10
C HIS B 236 20.19 14.89 -5.25
N GLY B 237 20.78 15.04 -6.44
CA GLY B 237 20.02 15.31 -7.65
C GLY B 237 19.17 14.12 -8.09
N ILE B 238 19.72 12.92 -7.99
CA ILE B 238 18.97 11.70 -8.26
C ILE B 238 17.70 11.67 -7.37
N LYS B 239 17.89 11.93 -6.09
CA LYS B 239 16.80 11.91 -5.10
C LYS B 239 15.72 12.96 -5.42
N ARG B 240 16.16 14.20 -5.66
CA ARG B 240 15.25 15.31 -5.99
C ARG B 240 14.35 14.97 -7.18
N GLU B 241 14.96 14.43 -8.24
CA GLU B 241 14.24 14.17 -9.48
C GLU B 241 13.27 12.99 -9.36
N ALA B 242 13.55 12.06 -8.44
CA ALA B 242 12.60 10.97 -8.16
C ALA B 242 11.29 11.57 -7.62
N LEU B 243 11.39 12.55 -6.74
CA LEU B 243 10.19 13.21 -6.22
C LEU B 243 9.45 14.02 -7.31
N VAL B 244 10.20 14.74 -8.15
CA VAL B 244 9.63 15.50 -9.25
C VAL B 244 8.89 14.57 -10.21
N MET B 245 9.49 13.40 -10.51
CA MET B 245 8.86 12.43 -11.42
C MET B 245 7.57 11.83 -10.86
N LYS B 246 7.59 11.49 -9.59
CA LYS B 246 6.40 10.99 -8.88
C LYS B 246 5.25 12.00 -8.96
N GLU B 247 5.55 13.26 -8.66
CA GLU B 247 4.54 14.32 -8.76
C GLU B 247 4.06 14.50 -10.20
N ALA B 248 4.98 14.40 -11.16
CA ALA B 248 4.61 14.50 -12.59
C ALA B 248 3.59 13.43 -12.96
N LEU B 249 3.81 12.20 -12.50
CA LEU B 249 2.90 11.08 -12.81
C LEU B 249 1.52 11.27 -12.18
N LEU B 250 1.51 11.66 -10.90
CA LEU B 250 0.26 11.94 -10.20
C LEU B 250 -0.54 13.06 -10.85
N LYS B 251 0.16 14.03 -11.44
CA LYS B 251 -0.50 15.20 -12.04
C LYS B 251 -0.74 15.01 -13.53
N GLY B 252 -0.30 13.86 -14.06
CA GLY B 252 -0.37 13.60 -15.50
C GLY B 252 0.34 14.64 -16.33
N ASP B 253 1.53 15.04 -15.88
CA ASP B 253 2.29 16.12 -16.50
C ASP B 253 3.50 15.55 -17.24
N PHE B 254 3.30 15.18 -18.50
CA PHE B 254 4.37 14.51 -19.26
C PHE B 254 5.57 15.39 -19.61
N LYS B 255 5.37 16.72 -19.73
CA LYS B 255 6.50 17.65 -19.89
CA LYS B 255 6.49 17.65 -19.89
C LYS B 255 7.45 17.57 -18.70
N ALA B 256 6.89 17.62 -17.48
CA ALA B 256 7.71 17.52 -16.25
C ALA B 256 8.37 16.15 -16.10
N PHE B 257 7.67 15.11 -16.54
CA PHE B 257 8.18 13.75 -16.49
C PHE B 257 9.47 13.61 -17.31
N VAL B 258 9.42 14.04 -18.58
CA VAL B 258 10.59 13.96 -19.47
C VAL B 258 11.75 14.85 -18.97
N ALA B 259 11.43 16.05 -18.48
CA ALA B 259 12.43 16.95 -17.90
C ALA B 259 13.16 16.31 -16.72
N SER B 260 12.38 15.67 -15.85
CA SER B 260 12.93 15.01 -14.67
CA SER B 260 12.91 14.99 -14.67
C SER B 260 13.77 13.79 -15.04
N MET B 261 13.36 13.04 -16.07
CA MET B 261 14.17 11.90 -16.53
C MET B 261 15.53 12.36 -17.12
N ARG B 262 15.52 13.45 -17.88
CA ARG B 262 16.79 13.99 -18.43
C ARG B 262 17.74 14.44 -17.31
N LEU B 263 17.23 15.17 -16.33
CA LEU B 263 18.05 15.66 -15.23
CA LEU B 263 18.07 15.66 -15.23
C LEU B 263 18.52 14.50 -14.36
N GLY B 264 17.63 13.52 -14.15
CA GLY B 264 17.96 12.31 -13.38
C GLY B 264 19.10 11.54 -14.02
N TRP B 265 19.01 11.35 -15.33
CA TRP B 265 20.04 10.60 -16.10
C TRP B 265 21.42 11.29 -16.02
N ASP B 266 21.45 12.61 -16.19
CA ASP B 266 22.68 13.40 -15.97
C ASP B 266 23.29 13.16 -14.60
N ASN B 267 22.48 13.36 -13.55
CA ASN B 267 22.88 13.13 -12.17
C ASN B 267 23.36 11.71 -11.93
N LYS B 268 22.65 10.75 -12.50
CA LYS B 268 23.01 9.35 -12.31
C LYS B 268 24.40 9.07 -12.90
N LYS B 269 24.65 9.56 -14.13
CA LYS B 269 25.97 9.38 -14.75
C LYS B 269 27.09 10.05 -13.94
N ASN B 270 26.77 11.19 -13.32
CA ASN B 270 27.73 11.93 -12.49
C ASN B 270 28.00 11.34 -11.11
N SER B 271 27.16 10.38 -10.68
CA SER B 271 27.29 9.75 -9.35
C SER B 271 28.31 8.62 -9.31
N ALA B 272 28.64 8.06 -10.46
CA ALA B 272 29.57 6.94 -10.57
C ALA B 272 30.07 6.75 -12.00
N ARG B 273 31.37 6.51 -12.08
CA ARG B 273 32.10 6.52 -13.35
CA ARG B 273 32.11 6.50 -13.35
C ARG B 273 31.55 5.54 -14.39
N THR B 274 31.20 4.34 -13.96
CA THR B 274 30.79 3.30 -14.90
C THR B 274 29.28 3.15 -15.16
N VAL B 275 28.46 4.09 -14.67
CA VAL B 275 27.02 4.12 -14.94
C VAL B 275 26.73 4.11 -16.44
N SER B 276 27.42 4.99 -17.17
CA SER B 276 27.34 4.96 -18.61
C SER B 276 28.73 4.67 -19.19
N ASN B 277 28.78 4.41 -20.49
CA ASN B 277 30.06 4.28 -21.20
C ASN B 277 29.84 4.79 -22.63
N ALA B 278 30.88 4.72 -23.45
CA ALA B 278 30.81 5.20 -24.82
C ALA B 278 29.77 4.43 -25.65
N HIS B 279 29.68 3.12 -25.42
CA HIS B 279 28.70 2.27 -26.09
C HIS B 279 27.25 2.65 -25.75
N ILE B 280 26.95 2.82 -24.46
CA ILE B 280 25.62 3.24 -24.00
C ILE B 280 25.29 4.65 -24.52
N ASP B 281 26.29 5.53 -24.47
CA ASP B 281 26.17 6.90 -24.97
C ASP B 281 25.88 6.97 -26.46
N GLU B 282 26.46 6.06 -27.24
CA GLU B 282 26.19 6.02 -28.67
C GLU B 282 24.72 5.65 -28.91
N ILE B 283 24.25 4.60 -28.25
CA ILE B 283 22.84 4.21 -28.35
C ILE B 283 21.93 5.36 -27.90
N TYR B 284 22.22 5.97 -26.76
CA TYR B 284 21.39 7.07 -26.26
C TYR B 284 21.38 8.20 -27.28
N ASP B 285 22.57 8.56 -27.78
CA ASP B 285 22.66 9.66 -28.74
C ASP B 285 21.83 9.37 -29.98
N ALA B 286 21.88 8.14 -30.47
CA ALA B 286 21.08 7.76 -31.64
C ALA B 286 19.58 7.80 -31.35
N ALA B 287 19.18 7.37 -30.15
CA ALA B 287 17.77 7.41 -29.78
C ALA B 287 17.25 8.85 -29.74
N ILE B 288 18.01 9.74 -29.12
CA ILE B 288 17.64 11.17 -29.09
C ILE B 288 17.55 11.73 -30.50
N ARG B 289 18.48 11.33 -31.36
CA ARG B 289 18.51 11.71 -32.78
CA ARG B 289 18.46 11.77 -32.75
C ARG B 289 17.23 11.26 -33.51
N ALA B 290 16.80 10.04 -33.22
CA ALA B 290 15.61 9.45 -33.84
C ALA B 290 14.31 10.07 -33.34
N GLY B 291 14.36 10.82 -32.24
CA GLY B 291 13.17 11.51 -31.71
C GLY B 291 12.80 11.26 -30.25
N ALA B 292 13.50 10.34 -29.59
CA ALA B 292 13.27 10.13 -28.17
C ALA B 292 13.57 11.43 -27.45
N GLN B 293 12.81 11.74 -26.41
CA GLN B 293 12.99 12.98 -25.63
C GLN B 293 13.83 12.77 -24.37
N ALA B 294 13.87 11.53 -23.89
CA ALA B 294 14.62 11.23 -22.69
C ALA B 294 14.89 9.74 -22.66
N GLY B 295 15.82 9.35 -21.81
CA GLY B 295 16.12 7.93 -21.64
C GLY B 295 17.08 7.67 -20.50
N LYS B 296 17.29 6.39 -20.19
CA LYS B 296 18.15 6.05 -19.06
C LYS B 296 18.37 4.55 -19.04
N VAL B 297 19.34 4.14 -18.24
CA VAL B 297 19.56 2.72 -17.98
CA VAL B 297 19.55 2.72 -17.99
C VAL B 297 18.78 2.36 -16.72
N SER B 298 18.05 1.25 -16.77
CA SER B 298 17.36 0.75 -15.59
C SER B 298 18.38 0.03 -14.69
N GLY B 299 18.18 0.10 -13.38
CA GLY B 299 19.14 -0.47 -12.46
C GLY B 299 20.39 0.39 -12.33
N ALA B 300 21.46 -0.22 -11.82
CA ALA B 300 22.65 0.55 -11.40
C ALA B 300 23.34 1.27 -12.55
N GLY B 301 23.40 0.63 -13.72
CA GLY B 301 24.09 1.22 -14.86
C GLY B 301 25.03 0.22 -15.50
N GLY B 302 25.71 0.66 -16.56
CA GLY B 302 26.76 -0.13 -17.20
C GLY B 302 26.32 -1.16 -18.23
N GLY B 303 25.02 -1.21 -18.50
CA GLY B 303 24.46 -2.17 -19.45
C GLY B 303 23.08 -2.58 -18.97
N GLY B 304 22.56 -3.68 -19.51
CA GLY B 304 21.20 -4.14 -19.20
C GLY B 304 20.18 -3.32 -19.95
N PHE B 305 18.96 -3.26 -19.42
CA PHE B 305 17.87 -2.57 -20.07
C PHE B 305 17.97 -1.05 -20.05
N MET B 306 17.82 -0.47 -21.24
CA MET B 306 17.57 0.97 -21.34
C MET B 306 16.09 1.26 -21.58
N LEU B 307 15.64 2.43 -21.13
CA LEU B 307 14.27 2.84 -21.44
CA LEU B 307 14.26 2.87 -21.34
C LEU B 307 14.26 4.23 -22.07
N PHE B 308 13.44 4.36 -23.10
CA PHE B 308 13.29 5.64 -23.81
C PHE B 308 11.88 6.19 -23.78
N PHE B 309 11.78 7.51 -23.59
CA PHE B 309 10.52 8.19 -23.71
C PHE B 309 10.48 8.88 -25.06
N VAL B 310 9.50 8.48 -25.86
CA VAL B 310 9.41 8.94 -27.25
C VAL B 310 7.98 9.38 -27.55
N PRO B 311 7.82 10.56 -28.17
CA PRO B 311 6.45 10.92 -28.54
C PRO B 311 5.95 9.95 -29.58
N THR B 312 4.64 9.72 -29.58
CA THR B 312 4.06 8.65 -30.41
C THR B 312 4.36 8.82 -31.91
N GLU B 313 4.46 10.05 -32.39
CA GLU B 313 4.75 10.28 -33.80
CA GLU B 313 4.76 10.29 -33.81
C GLU B 313 6.20 9.96 -34.21
N LYS B 314 7.09 9.74 -33.25
N LYS B 314 7.09 9.74 -33.25
CA LYS B 314 8.45 9.28 -33.54
CA LYS B 314 8.46 9.31 -33.52
C LYS B 314 8.76 7.85 -33.06
C LYS B 314 8.76 7.88 -33.05
N ARG B 315 7.74 7.20 -32.50
CA ARG B 315 7.92 5.87 -31.91
C ARG B 315 8.47 4.82 -32.88
N MET B 316 7.85 4.67 -34.05
CA MET B 316 8.33 3.69 -35.01
C MET B 316 9.74 4.04 -35.53
N ASP B 317 10.03 5.33 -35.71
CA ASP B 317 11.38 5.73 -36.13
C ASP B 317 12.42 5.34 -35.11
N LEU B 318 12.11 5.58 -33.84
CA LEU B 318 12.98 5.14 -32.77
C LEU B 318 13.17 3.60 -32.80
N ILE B 319 12.07 2.85 -32.95
CA ILE B 319 12.15 1.39 -33.03
C ILE B 319 13.06 0.94 -34.20
N ARG B 320 12.88 1.54 -35.38
N ARG B 320 12.87 1.56 -35.35
CA ARG B 320 13.75 1.26 -36.53
CA ARG B 320 13.69 1.35 -36.55
C ARG B 320 15.22 1.52 -36.20
C ARG B 320 15.18 1.55 -36.22
N THR B 321 15.51 2.70 -35.64
CA THR B 321 16.89 3.10 -35.32
C THR B 321 17.57 2.12 -34.37
N LEU B 322 16.88 1.77 -33.28
CA LEU B 322 17.45 0.86 -32.29
C LEU B 322 17.78 -0.49 -32.93
N GLY B 323 16.98 -0.88 -33.93
CA GLY B 323 17.26 -2.06 -34.76
C GLY B 323 18.65 -2.09 -35.37
N GLU B 324 19.23 -0.93 -35.65
CA GLU B 324 20.61 -0.83 -36.18
C GLU B 324 21.68 -1.04 -35.11
N TYR B 325 21.29 -1.18 -33.85
CA TYR B 325 22.28 -1.32 -32.77
C TYR B 325 22.24 -2.70 -32.16
N ASP B 326 23.27 -3.03 -31.38
CA ASP B 326 23.34 -4.31 -30.72
C ASP B 326 22.41 -4.28 -29.50
N GLY B 327 21.43 -5.19 -29.51
CA GLY B 327 20.46 -5.27 -28.42
C GLY B 327 19.07 -5.55 -28.96
N GLN B 328 18.09 -5.66 -28.05
CA GLN B 328 16.74 -6.08 -28.45
CA GLN B 328 16.74 -6.10 -28.43
C GLN B 328 15.67 -5.09 -28.00
N VAL B 329 14.84 -4.68 -28.94
CA VAL B 329 13.74 -3.74 -28.64
C VAL B 329 12.50 -4.48 -28.14
N SER B 330 11.82 -3.88 -27.17
CA SER B 330 10.50 -4.38 -26.78
CA SER B 330 10.53 -4.40 -26.69
C SER B 330 9.62 -3.24 -26.27
N ASN B 331 8.31 -3.49 -26.24
CA ASN B 331 7.40 -2.50 -25.66
C ASN B 331 7.49 -2.59 -24.14
N CYS B 332 6.79 -1.70 -23.47
CA CYS B 332 6.84 -1.64 -22.04
C CYS B 332 5.42 -1.83 -21.54
N HIS B 333 5.17 -2.95 -20.85
CA HIS B 333 3.84 -3.18 -20.29
C HIS B 333 3.91 -3.40 -18.77
N PHE B 334 3.18 -2.56 -18.04
CA PHE B 334 3.23 -2.57 -16.59
C PHE B 334 2.27 -3.59 -15.99
N THR B 335 2.58 -4.04 -14.78
CA THR B 335 1.71 -4.98 -14.05
C THR B 335 1.38 -4.38 -12.70
N LYS B 336 0.15 -4.61 -12.26
CA LYS B 336 -0.34 -4.05 -10.99
CA LYS B 336 -0.31 -4.04 -10.98
C LYS B 336 -0.10 -4.98 -9.79
N ASN B 337 0.01 -6.28 -10.07
CA ASN B 337 0.08 -7.25 -8.98
C ASN B 337 1.50 -7.57 -8.53
N GLY B 338 1.64 -7.85 -7.25
CA GLY B 338 2.91 -8.26 -6.65
C GLY B 338 3.02 -9.77 -6.77
N THR B 339 3.88 -10.32 -5.92
CA THR B 339 4.18 -11.75 -5.95
C THR B 339 2.94 -12.59 -5.62
N GLN B 340 2.75 -13.68 -6.36
CA GLN B 340 1.64 -14.59 -6.12
CA GLN B 340 1.63 -14.59 -6.15
C GLN B 340 2.07 -16.04 -6.29
N ALA B 341 1.34 -16.94 -5.63
CA ALA B 341 1.66 -18.36 -5.64
C ALA B 341 0.43 -19.17 -6.11
N TRP B 342 0.65 -20.38 -6.62
CA TRP B 342 -0.45 -21.28 -6.92
C TRP B 342 0.00 -22.72 -6.75
N ARG B 343 -0.94 -23.63 -6.62
CA ARG B 343 -0.65 -25.06 -6.46
C ARG B 343 -0.97 -25.86 -7.72
N ILE B 344 -0.20 -26.93 -7.93
CA ILE B 344 -0.37 -27.82 -9.08
C ILE B 344 -0.71 -29.23 -8.57
N ALA B 345 0.04 -29.69 -7.57
CA ALA B 345 -0.30 -30.92 -6.85
C ALA B 345 -0.46 -30.63 -5.36
N ASN B 346 -1.57 -31.11 -4.80
CA ASN B 346 -1.87 -31.06 -3.37
C ASN B 346 -1.81 -29.66 -2.73
C1 MAN C . -14.07 6.69 15.03
C2 MAN C . -12.64 7.20 14.81
C3 MAN C . -11.65 6.03 14.76
C4 MAN C . -11.81 5.08 15.96
C5 MAN C . -13.28 4.71 16.17
C6 MAN C . -13.48 3.88 17.43
O1 MAN C . -14.51 6.00 13.87
O2 MAN C . -12.28 8.14 15.82
O3 MAN C . -10.35 6.53 14.61
O4 MAN C . -11.07 3.88 15.80
O5 MAN C . -14.14 5.84 16.18
O6 MAN C . -13.21 4.67 18.57
CL CL D . -17.57 5.02 13.36
CL CL E . -20.69 6.35 10.49
CL CL F . -12.63 -2.75 15.87
CL CL G . -13.86 0.09 15.05
C1 MAN H . 20.01 -3.24 -7.33
C2 MAN H . 19.54 -3.15 -5.89
C3 MAN H . 18.74 -1.86 -5.62
C4 MAN H . 19.42 -0.61 -6.18
C5 MAN H . 19.92 -0.85 -7.61
C6 MAN H . 20.74 0.32 -8.15
O1 MAN H . 18.92 -3.48 -8.21
O2 MAN H . 20.66 -3.23 -5.02
O3 MAN H . 18.54 -1.72 -4.23
O4 MAN H . 18.53 0.48 -6.16
O5 MAN H . 20.69 -2.05 -7.72
O6 MAN H . 21.90 0.50 -7.35
CL CL I . 19.04 -4.36 -11.29
CL CL J . 18.18 -8.05 -13.56
CL CL K . 16.39 4.85 -10.91
CL CL L . 17.26 1.70 -10.54
#